data_2IUN
#
_entry.id   2IUN
#
_cell.length_a   55.960
_cell.length_b   107.864
_cell.length_c   114.833
_cell.angle_alpha   90.00
_cell.angle_beta   93.63
_cell.angle_gamma   90.00
#
_symmetry.space_group_name_H-M   'P 1 21 1'
#
loop_
_entity.id
_entity.type
_entity.pdbx_description
1 polymer 'AVIAN ADENOVIRUS CELO LONG FIBRE'
2 non-polymer 'CALCIUM ION'
3 water water
#
_entity_poly.entity_id   1
_entity_poly.type   'polypeptide(L)'
_entity_poly.pdbx_seq_one_letter_code
;MGSSHHHHHHSSGLVPRGSHMASMTGGQQGRIRGSSTPEVATYHCGDNLLESYDIFASLPNTNAAKVAAYCRLAAAGGVV
SGTIQVTSYAGRWPKVGNSVTDGIKFAIVVSPPMDKDPRSNLSQWLGATVFPAGATTALFSPNPYGSLNTITTLPSIASD
WYVPESNLVTYTKIHFKPTGSQQLQLASGELVVAAAKSPVQTTKYELIYLGFTLKQNSSGTNFFDPNASSDLSFLTPPIP
FTYLGYYQ
;
_entity_poly.pdbx_strand_id   A,B,C,D,E,F
#
# COMPACT_ATOMS: atom_id res chain seq x y z
N PRO A 38 -14.85 49.19 -2.95
CA PRO A 38 -13.40 49.20 -3.12
C PRO A 38 -12.98 48.14 -4.12
N GLU A 39 -11.79 48.30 -4.70
CA GLU A 39 -11.31 47.41 -5.76
C GLU A 39 -11.07 46.00 -5.29
N VAL A 40 -10.28 45.86 -4.23
CA VAL A 40 -9.99 44.58 -3.59
C VAL A 40 -10.40 44.71 -2.10
N ALA A 41 -11.23 43.81 -1.60
CA ALA A 41 -11.54 43.77 -0.19
C ALA A 41 -11.20 42.40 0.38
N THR A 42 -10.85 42.35 1.66
CA THR A 42 -10.53 41.08 2.27
C THR A 42 -11.36 40.86 3.53
N TYR A 43 -11.49 39.59 3.90
CA TYR A 43 -12.29 39.20 5.03
C TYR A 43 -11.59 38.01 5.63
N HIS A 44 -11.43 38.00 6.94
CA HIS A 44 -10.94 36.81 7.62
C HIS A 44 -11.60 36.61 8.96
N CYS A 45 -11.75 35.35 9.36
CA CYS A 45 -12.25 34.97 10.67
C CYS A 45 -11.51 33.70 11.11
N GLY A 46 -11.51 33.44 12.42
CA GLY A 46 -10.88 32.24 12.98
C GLY A 46 -9.47 32.57 13.44
N ASP A 47 -8.77 31.55 13.91
CA ASP A 47 -7.45 31.70 14.47
C ASP A 47 -6.39 31.18 13.52
N ASN A 48 -5.54 32.06 12.97
CA ASN A 48 -4.54 31.61 11.99
C ASN A 48 -3.46 30.73 12.55
N LEU A 49 -3.34 30.70 13.87
CA LEU A 49 -2.44 29.79 14.54
C LEU A 49 -3.09 28.45 14.84
N LEU A 50 -4.39 28.33 14.57
CA LEU A 50 -5.13 27.06 14.74
C LEU A 50 -4.99 26.44 16.13
N GLU A 51 -5.12 27.24 17.16
CA GLU A 51 -4.93 26.80 18.54
C GLU A 51 -6.19 26.92 19.38
N SER A 52 -7.18 27.66 18.89
CA SER A 52 -8.42 27.85 19.59
C SER A 52 -9.47 26.94 18.97
N TYR A 53 -9.85 25.90 19.70
CA TYR A 53 -10.84 24.98 19.24
C TYR A 53 -12.16 25.49 19.70
N ASP A 54 -12.55 26.65 19.17
CA ASP A 54 -13.84 27.24 19.55
C ASP A 54 -14.84 27.38 18.40
N ILE A 55 -14.56 26.72 17.28
CA ILE A 55 -15.46 26.74 16.10
C ILE A 55 -16.31 25.49 16.05
N PHE A 56 -17.61 25.68 15.85
CA PHE A 56 -18.55 24.58 15.74
C PHE A 56 -18.58 23.96 14.35
N ALA A 57 -18.48 22.64 14.30
CA ALA A 57 -18.71 21.96 13.06
C ALA A 57 -19.84 20.99 13.29
N SER A 58 -20.79 21.03 12.37
CA SER A 58 -21.91 20.15 12.45
C SER A 58 -21.58 18.81 11.74
N LEU A 59 -22.03 17.73 12.37
CA LEU A 59 -21.65 16.39 12.01
C LEU A 59 -22.89 15.56 11.62
N PRO A 60 -22.69 14.41 10.94
CA PRO A 60 -23.81 13.48 10.67
C PRO A 60 -24.43 12.97 11.98
N ASN A 61 -25.67 12.50 11.88
CA ASN A 61 -26.38 11.95 13.04
C ASN A 61 -26.46 12.97 14.13
N THR A 62 -26.64 14.24 13.76
CA THR A 62 -27.14 15.21 14.76
C THR A 62 -26.11 15.45 15.88
N ASN A 63 -24.87 15.13 15.57
CA ASN A 63 -23.72 15.38 16.42
C ASN A 63 -23.05 16.70 16.05
N ALA A 64 -22.09 17.10 16.88
CA ALA A 64 -21.31 18.32 16.70
C ALA A 64 -19.94 18.17 17.32
N ALA A 65 -18.97 18.91 16.81
CA ALA A 65 -17.59 18.84 17.26
C ALA A 65 -16.99 20.21 17.19
N LYS A 66 -15.96 20.47 17.98
CA LYS A 66 -15.25 21.76 17.98
C LYS A 66 -13.97 21.61 17.18
N VAL A 67 -13.66 22.60 16.37
CA VAL A 67 -12.46 22.59 15.55
C VAL A 67 -11.72 23.90 15.70
N ALA A 68 -10.49 23.96 15.21
CA ALA A 68 -9.84 25.25 15.03
C ALA A 68 -9.81 25.49 13.53
N ALA A 69 -10.16 26.71 13.12
CA ALA A 69 -10.30 27.02 11.70
C ALA A 69 -9.85 28.44 11.36
N TYR A 70 -9.46 28.67 10.11
CA TYR A 70 -9.12 30.00 9.64
C TYR A 70 -9.58 30.14 8.22
N CYS A 71 -10.20 31.28 7.93
CA CYS A 71 -10.77 31.52 6.63
C CYS A 71 -10.35 32.88 6.16
N ARG A 72 -9.87 32.96 4.92
CA ARG A 72 -9.56 34.24 4.33
C ARG A 72 -10.18 34.35 2.96
N LEU A 73 -10.84 35.47 2.71
CA LEU A 73 -11.48 35.75 1.44
C LEU A 73 -10.97 37.06 0.82
N ALA A 74 -10.83 37.07 -0.49
CA ALA A 74 -10.46 38.27 -1.19
C ALA A 74 -11.45 38.48 -2.33
N ALA A 75 -12.06 39.65 -2.35
CA ALA A 75 -13.08 39.96 -3.32
C ALA A 75 -12.59 41.04 -4.29
N ALA A 76 -12.67 40.76 -5.59
CA ALA A 76 -12.37 41.71 -6.64
C ALA A 76 -13.37 41.51 -7.76
N GLY A 77 -14.05 42.57 -8.16
CA GLY A 77 -14.92 42.54 -9.31
C GLY A 77 -16.17 41.70 -9.16
N GLY A 78 -16.56 41.44 -7.93
CA GLY A 78 -17.72 40.60 -7.67
C GLY A 78 -17.31 39.14 -7.52
N VAL A 79 -16.04 38.82 -7.76
CA VAL A 79 -15.60 37.44 -7.69
C VAL A 79 -14.76 37.23 -6.43
N VAL A 80 -15.07 36.20 -5.66
CA VAL A 80 -14.38 35.99 -4.38
C VAL A 80 -13.57 34.70 -4.44
N SER A 81 -12.29 34.80 -4.06
CA SER A 81 -11.43 33.65 -3.91
C SER A 81 -10.96 33.63 -2.48
N GLY A 82 -10.73 32.43 -1.98
CA GLY A 82 -10.30 32.29 -0.61
C GLY A 82 -9.86 30.90 -0.24
N THR A 83 -9.47 30.75 1.01
CA THR A 83 -9.08 29.47 1.54
C THR A 83 -9.75 29.24 2.88
N ILE A 84 -9.89 27.97 3.23
CA ILE A 84 -10.32 27.55 4.53
C ILE A 84 -9.32 26.52 5.05
N GLN A 85 -8.94 26.63 6.32
CA GLN A 85 -8.08 25.61 6.89
C GLN A 85 -8.69 25.15 8.20
N VAL A 86 -8.67 23.85 8.47
CA VAL A 86 -9.32 23.28 9.62
C VAL A 86 -8.50 22.17 10.26
N THR A 87 -8.54 22.11 11.59
CA THR A 87 -7.91 21.02 12.34
C THR A 87 -8.72 20.65 13.58
N SER A 88 -8.63 19.40 13.99
CA SER A 88 -9.24 18.95 15.25
C SER A 88 -8.62 17.63 15.64
N TYR A 89 -8.93 17.17 16.85
CA TYR A 89 -8.37 15.91 17.36
C TYR A 89 -9.46 15.00 17.96
N ALA A 90 -9.16 13.71 18.06
CA ALA A 90 -10.16 12.70 18.40
C ALA A 90 -10.91 12.99 19.70
N GLY A 91 -10.18 13.57 20.65
CA GLY A 91 -10.75 13.90 21.95
C GLY A 91 -12.02 14.71 21.86
N ARG A 92 -12.14 15.48 20.78
CA ARG A 92 -13.25 16.44 20.58
C ARG A 92 -14.42 15.91 19.74
N TRP A 93 -14.32 14.63 19.44
CA TRP A 93 -15.10 14.00 18.40
C TRP A 93 -15.95 12.86 18.99
N PRO A 94 -17.22 12.73 18.56
CA PRO A 94 -18.11 11.70 19.08
C PRO A 94 -17.69 10.29 18.72
N LYS A 95 -17.92 9.37 19.64
CA LYS A 95 -17.34 8.06 19.50
C LYS A 95 -18.29 7.07 18.85
N VAL A 96 -18.69 7.33 17.62
CA VAL A 96 -19.67 6.46 16.97
C VAL A 96 -19.37 6.27 15.50
N GLY A 97 -19.64 5.06 15.02
CA GLY A 97 -19.35 4.73 13.64
C GLY A 97 -17.90 4.35 13.52
N ASN A 98 -17.45 4.22 12.27
CA ASN A 98 -16.08 3.88 11.94
C ASN A 98 -15.62 4.83 10.86
N SER A 99 -14.54 5.55 11.13
CA SER A 99 -14.06 6.59 10.21
C SER A 99 -13.48 5.99 8.94
N VAL A 100 -12.91 4.80 9.04
CA VAL A 100 -12.36 4.14 7.87
C VAL A 100 -13.44 3.84 6.81
N THR A 101 -14.60 3.36 7.25
CA THR A 101 -15.65 3.02 6.27
C THR A 101 -16.58 4.21 6.00
N ASP A 102 -16.86 5.05 7.01
CA ASP A 102 -17.76 6.19 6.82
C ASP A 102 -17.07 7.46 6.27
N GLY A 103 -15.76 7.57 6.47
CA GLY A 103 -15.07 8.82 6.25
C GLY A 103 -15.25 9.75 7.42
N ILE A 104 -14.45 10.79 7.51
CA ILE A 104 -14.58 11.79 8.56
C ILE A 104 -15.31 12.93 7.91
N LYS A 105 -16.57 13.14 8.29
CA LYS A 105 -17.44 14.13 7.64
C LYS A 105 -17.89 15.20 8.61
N PHE A 106 -17.89 16.44 8.15
CA PHE A 106 -18.33 17.54 8.99
C PHE A 106 -18.55 18.74 8.10
N ALA A 107 -19.18 19.77 8.65
CA ALA A 107 -19.42 20.97 7.89
C ALA A 107 -19.26 22.19 8.78
N ILE A 108 -18.79 23.28 8.19
CA ILE A 108 -18.79 24.55 8.87
C ILE A 108 -19.42 25.60 7.98
N VAL A 109 -19.91 26.66 8.60
CA VAL A 109 -20.57 27.74 7.90
C VAL A 109 -19.74 29.03 8.02
N VAL A 110 -19.43 29.65 6.90
CA VAL A 110 -18.87 30.99 6.96
C VAL A 110 -20.03 31.96 6.82
N SER A 111 -20.09 32.93 7.72
CA SER A 111 -21.26 33.79 7.79
C SER A 111 -20.94 35.27 7.78
N PRO A 112 -20.64 35.80 6.58
CA PRO A 112 -20.31 37.23 6.43
C PRO A 112 -21.31 38.24 7.03
N PRO A 113 -22.63 38.00 6.95
CA PRO A 113 -23.52 39.01 7.53
C PRO A 113 -23.73 38.88 9.04
N MET A 114 -22.87 38.15 9.75
CA MET A 114 -23.07 37.99 11.19
C MET A 114 -22.94 39.30 11.97
N ASP A 115 -22.34 40.32 11.37
CA ASP A 115 -22.20 41.60 12.04
C ASP A 115 -23.56 42.29 12.16
N LYS A 116 -24.44 42.06 11.20
CA LYS A 116 -25.77 42.63 11.25
C LYS A 116 -26.90 41.62 11.49
N ASP A 117 -26.55 40.34 11.59
CA ASP A 117 -27.49 39.28 11.82
C ASP A 117 -26.79 38.20 12.66
N PRO A 118 -26.72 38.40 13.99
CA PRO A 118 -25.90 37.53 14.86
C PRO A 118 -26.36 36.07 14.88
N ARG A 119 -27.63 35.85 14.56
CA ARG A 119 -28.24 34.53 14.55
C ARG A 119 -27.70 33.66 13.41
N SER A 120 -27.10 34.30 12.42
CA SER A 120 -26.53 33.62 11.28
C SER A 120 -25.15 33.02 11.57
N ASN A 121 -24.61 33.29 12.75
CA ASN A 121 -23.29 32.81 13.15
C ASN A 121 -23.35 31.37 13.70
N LEU A 122 -23.59 30.43 12.80
CA LEU A 122 -23.88 29.05 13.15
C LEU A 122 -22.66 28.29 13.62
N SER A 123 -21.49 28.61 13.08
CA SER A 123 -20.25 28.00 13.53
C SER A 123 -19.58 28.74 14.70
N GLN A 124 -20.12 29.90 15.04
CA GLN A 124 -19.76 30.64 16.27
C GLN A 124 -18.35 31.25 16.31
N TRP A 125 -17.96 31.84 15.19
CA TRP A 125 -16.75 32.61 15.06
C TRP A 125 -16.73 33.74 16.09
N LEU A 126 -15.55 34.09 16.58
CA LEU A 126 -15.43 35.15 17.56
C LEU A 126 -15.57 36.52 16.93
N GLY A 127 -15.28 36.64 15.65
CA GLY A 127 -15.57 37.88 14.97
C GLY A 127 -14.88 37.81 13.63
N ALA A 128 -15.01 38.87 12.85
CA ALA A 128 -14.44 38.90 11.51
C ALA A 128 -13.70 40.22 11.33
N THR A 129 -12.76 40.28 10.40
CA THR A 129 -12.05 41.51 10.12
C THR A 129 -12.16 41.74 8.65
N VAL A 130 -12.60 42.94 8.30
CA VAL A 130 -12.73 43.36 6.92
C VAL A 130 -11.70 44.46 6.65
N PHE A 131 -11.08 44.41 5.47
CA PHE A 131 -10.21 45.47 5.00
C PHE A 131 -10.58 45.84 3.55
N PRO A 132 -10.59 47.13 3.21
CA PRO A 132 -10.43 48.30 4.09
C PRO A 132 -11.59 48.40 5.11
N ALA A 133 -11.33 48.97 6.29
CA ALA A 133 -12.33 49.12 7.34
C ALA A 133 -13.58 49.83 6.80
N GLY A 134 -14.74 49.28 7.12
CA GLY A 134 -15.98 49.81 6.63
C GLY A 134 -16.34 49.49 5.19
N ALA A 135 -15.66 48.51 4.60
CA ALA A 135 -16.17 47.88 3.40
C ALA A 135 -17.33 47.00 3.90
N THR A 136 -18.42 46.96 3.15
CA THR A 136 -19.57 46.18 3.58
C THR A 136 -19.27 44.66 3.55
N THR A 137 -19.69 43.93 4.59
CA THR A 137 -19.56 42.46 4.59
C THR A 137 -20.44 41.81 3.51
N ALA A 138 -21.38 42.58 2.96
CA ALA A 138 -22.23 42.10 1.86
C ALA A 138 -21.42 41.55 0.69
N LEU A 139 -20.26 42.14 0.40
CA LEU A 139 -19.38 41.72 -0.68
C LEU A 139 -19.00 40.24 -0.64
N PHE A 140 -18.99 39.65 0.56
CA PHE A 140 -18.56 38.28 0.74
C PHE A 140 -19.70 37.25 0.80
N SER A 141 -20.95 37.71 0.71
CA SER A 141 -22.05 36.80 0.62
C SER A 141 -22.17 36.27 -0.81
N PRO A 142 -22.53 34.98 -0.98
CA PRO A 142 -22.82 34.47 -2.33
C PRO A 142 -23.85 35.37 -3.03
N ASN A 143 -23.66 35.61 -4.32
CA ASN A 143 -24.50 36.51 -5.08
C ASN A 143 -26.00 36.22 -4.92
N PRO A 144 -26.83 37.26 -4.72
CA PRO A 144 -28.28 37.01 -4.54
C PRO A 144 -29.03 36.53 -5.77
N TYR A 145 -28.72 37.03 -6.97
CA TYR A 145 -29.32 36.55 -8.20
C TYR A 145 -28.90 35.12 -8.59
N GLY A 146 -27.61 34.82 -8.43
CA GLY A 146 -27.10 33.47 -8.56
C GLY A 146 -27.71 32.50 -7.56
N SER A 147 -28.07 33.00 -6.37
CA SER A 147 -28.51 32.13 -5.28
C SER A 147 -29.95 31.66 -5.35
N LEU A 148 -30.84 32.44 -5.97
CA LEU A 148 -32.24 32.07 -6.08
C LEU A 148 -32.36 30.67 -6.67
N ASN A 149 -33.08 29.77 -5.98
CA ASN A 149 -33.27 28.39 -6.48
C ASN A 149 -32.05 27.45 -6.53
N THR A 150 -30.86 27.98 -6.21
CA THR A 150 -29.66 27.16 -6.06
C THR A 150 -29.21 27.01 -4.59
N ILE A 151 -29.79 27.84 -3.74
CA ILE A 151 -29.47 27.89 -2.33
C ILE A 151 -30.01 26.69 -1.51
N THR A 152 -29.27 26.28 -0.48
CA THR A 152 -29.71 25.19 0.37
C THR A 152 -30.25 25.81 1.65
N THR A 153 -31.43 25.39 2.06
CA THR A 153 -31.99 25.86 3.31
C THR A 153 -31.65 24.86 4.40
N LEU A 154 -30.94 25.33 5.41
CA LEU A 154 -30.40 24.47 6.44
C LEU A 154 -31.47 24.08 7.44
N PRO A 155 -31.34 22.91 8.08
CA PRO A 155 -32.19 22.61 9.24
C PRO A 155 -32.14 23.72 10.29
N SER A 156 -33.21 23.89 11.06
CA SER A 156 -33.30 25.07 11.92
C SER A 156 -32.76 24.91 13.35
N ILE A 157 -32.85 23.71 13.95
CA ILE A 157 -32.40 23.52 15.34
C ILE A 157 -30.93 23.57 15.22
N ALA A 158 -30.32 24.57 15.83
CA ALA A 158 -29.14 25.16 15.20
C ALA A 158 -27.79 24.75 15.75
N SER A 159 -27.65 23.51 16.14
CA SER A 159 -26.30 23.00 16.27
C SER A 159 -26.14 21.90 15.24
N ASP A 160 -27.28 21.36 14.80
CA ASP A 160 -27.17 20.30 13.82
C ASP A 160 -27.82 20.57 12.47
N TRP A 161 -27.14 21.40 11.72
CA TRP A 161 -27.49 21.85 10.38
C TRP A 161 -26.61 21.19 9.30
N TYR A 162 -25.94 20.09 9.65
CA TYR A 162 -25.24 19.29 8.68
C TYR A 162 -26.17 18.77 7.60
N VAL A 163 -25.80 18.97 6.33
CA VAL A 163 -26.52 18.42 5.14
C VAL A 163 -25.61 17.48 4.36
N PRO A 164 -26.04 16.22 4.12
CA PRO A 164 -25.12 15.35 3.37
C PRO A 164 -24.96 15.91 1.96
N GLU A 165 -23.81 15.68 1.34
CA GLU A 165 -23.54 16.15 -0.02
C GLU A 165 -24.69 15.92 -0.99
N SER A 166 -25.26 14.73 -0.97
CA SER A 166 -26.29 14.39 -1.95
C SER A 166 -27.62 15.12 -1.70
N ASN A 167 -27.78 15.70 -0.52
CA ASN A 167 -28.92 16.59 -0.23
C ASN A 167 -28.70 18.07 -0.43
N LEU A 168 -27.48 18.51 -0.69
CA LEU A 168 -27.25 19.91 -1.04
C LEU A 168 -27.88 20.25 -2.40
N VAL A 169 -28.47 21.44 -2.51
CA VAL A 169 -29.17 21.81 -3.73
C VAL A 169 -28.18 21.97 -4.87
N THR A 170 -27.16 22.81 -4.68
CA THR A 170 -26.03 22.91 -5.61
C THR A 170 -24.70 23.07 -4.86
N TYR A 171 -23.59 22.76 -5.53
CA TYR A 171 -22.28 23.01 -4.94
C TYR A 171 -21.18 22.97 -5.97
N THR A 172 -19.98 23.37 -5.57
CA THR A 172 -18.75 23.19 -6.33
C THR A 172 -17.83 22.26 -5.53
N LYS A 173 -17.12 21.37 -6.20
CA LYS A 173 -16.28 20.37 -5.51
C LYS A 173 -14.79 20.59 -5.75
N ILE A 174 -14.01 20.50 -4.67
CA ILE A 174 -12.54 20.64 -4.69
C ILE A 174 -11.90 19.40 -4.03
N HIS A 175 -10.87 18.85 -4.68
CA HIS A 175 -10.14 17.68 -4.18
C HIS A 175 -8.83 18.12 -3.56
N PHE A 176 -8.51 17.56 -2.41
CA PHE A 176 -7.27 17.86 -1.74
C PHE A 176 -6.76 16.66 -0.97
N LYS A 177 -5.59 16.80 -0.36
CA LYS A 177 -5.11 15.77 0.55
C LYS A 177 -4.79 16.36 1.89
N PRO A 178 -5.48 15.86 2.93
CA PRO A 178 -5.18 16.39 4.25
C PRO A 178 -4.00 15.61 4.86
N THR A 179 -3.53 16.04 6.02
CA THR A 179 -2.52 15.30 6.77
C THR A 179 -3.04 15.05 8.17
N GLY A 180 -2.26 14.35 8.97
CA GLY A 180 -2.65 14.07 10.35
C GLY A 180 -1.76 13.03 10.96
N SER A 181 -2.23 12.45 12.07
CA SER A 181 -1.46 11.42 12.79
C SER A 181 -1.23 10.28 11.84
N GLN A 182 -0.01 9.76 11.81
CA GLN A 182 0.35 8.86 10.73
C GLN A 182 -0.46 7.55 10.74
N GLN A 183 -1.01 7.17 11.89
CA GLN A 183 -1.80 5.94 11.95
C GLN A 183 -3.21 6.03 11.41
N LEU A 184 -3.66 7.26 11.18
CA LEU A 184 -4.92 7.48 10.51
C LEU A 184 -4.84 7.09 9.04
N GLN A 185 -3.67 7.20 8.43
CA GLN A 185 -3.50 6.85 7.03
C GLN A 185 -4.39 7.71 6.09
N LEU A 186 -4.48 9.01 6.36
CA LEU A 186 -5.33 9.88 5.58
C LEU A 186 -4.87 9.92 4.13
N ALA A 187 -5.79 9.67 3.20
CA ALA A 187 -5.43 9.50 1.80
C ALA A 187 -5.91 10.68 0.95
N SER A 188 -7.09 11.20 1.24
CA SER A 188 -7.62 12.29 0.42
C SER A 188 -8.77 13.00 1.11
N GLY A 189 -9.29 14.03 0.44
CA GLY A 189 -10.44 14.76 0.97
C GLY A 189 -11.16 15.55 -0.10
N GLU A 190 -12.43 15.84 0.15
CA GLU A 190 -13.22 16.69 -0.71
C GLU A 190 -13.81 17.82 0.09
N LEU A 191 -13.88 18.98 -0.53
CA LEU A 191 -14.58 20.13 0.02
C LEU A 191 -15.71 20.41 -0.96
N VAL A 192 -16.91 20.66 -0.41
CA VAL A 192 -18.02 21.19 -1.21
C VAL A 192 -18.42 22.56 -0.70
N VAL A 193 -18.56 23.49 -1.64
CA VAL A 193 -18.89 24.87 -1.35
C VAL A 193 -20.29 25.14 -1.87
N ALA A 194 -21.22 25.46 -0.96
CA ALA A 194 -22.63 25.67 -1.30
C ALA A 194 -23.14 26.99 -0.75
N ALA A 195 -23.94 27.71 -1.52
CA ALA A 195 -24.67 28.84 -0.95
C ALA A 195 -25.80 28.31 -0.04
N ALA A 196 -25.98 28.95 1.10
CA ALA A 196 -26.93 28.46 2.07
C ALA A 196 -27.64 29.58 2.81
N LYS A 197 -28.78 29.23 3.42
CA LYS A 197 -29.49 30.11 4.36
C LYS A 197 -30.13 29.34 5.53
N SER A 198 -30.31 30.02 6.66
CA SER A 198 -30.97 29.39 7.80
C SER A 198 -32.30 30.04 8.02
N PRO A 199 -33.33 29.26 8.36
CA PRO A 199 -34.60 29.89 8.70
C PRO A 199 -34.53 30.82 9.91
N VAL A 200 -33.57 30.61 10.80
CA VAL A 200 -33.33 31.49 11.98
C VAL A 200 -32.70 32.85 11.67
N GLN A 201 -32.20 33.05 10.44
CA GLN A 201 -31.63 34.33 10.02
C GLN A 201 -32.66 35.43 10.00
N THR A 202 -32.25 36.66 10.30
CA THR A 202 -33.16 37.79 10.15
C THR A 202 -32.87 38.64 8.90
N THR A 203 -31.78 38.35 8.18
CA THR A 203 -31.48 39.12 6.97
C THR A 203 -31.53 38.26 5.72
N LYS A 204 -31.49 38.93 4.58
CA LYS A 204 -31.51 38.28 3.27
C LYS A 204 -30.18 37.68 2.87
N TYR A 205 -29.10 38.07 3.54
CA TYR A 205 -27.74 37.76 3.09
C TYR A 205 -27.39 36.28 3.25
N GLU A 206 -26.80 35.72 2.20
CA GLU A 206 -26.53 34.30 2.18
C GLU A 206 -25.27 33.94 2.94
N LEU A 207 -25.18 32.65 3.28
CA LEU A 207 -24.04 32.11 3.96
C LEU A 207 -23.28 31.17 3.05
N ILE A 208 -22.08 30.78 3.46
CA ILE A 208 -21.30 29.78 2.73
C ILE A 208 -21.22 28.52 3.56
N TYR A 209 -21.76 27.43 3.04
CA TYR A 209 -21.68 26.14 3.70
C TYR A 209 -20.49 25.40 3.09
N LEU A 210 -19.59 24.94 3.96
CA LEU A 210 -18.44 24.15 3.54
C LEU A 210 -18.50 22.73 4.12
N GLY A 211 -18.70 21.74 3.27
CA GLY A 211 -18.81 20.37 3.72
C GLY A 211 -17.56 19.61 3.39
N PHE A 212 -17.03 18.92 4.39
CA PHE A 212 -15.77 18.22 4.27
C PHE A 212 -15.97 16.71 4.33
N THR A 213 -15.19 15.98 3.53
CA THR A 213 -15.08 14.53 3.67
C THR A 213 -13.62 14.16 3.59
N LEU A 214 -13.09 13.54 4.64
CA LEU A 214 -11.70 13.04 4.59
C LEU A 214 -11.75 11.52 4.55
N LYS A 215 -10.89 10.92 3.73
CA LYS A 215 -10.85 9.46 3.55
C LYS A 215 -9.53 8.86 3.95
N GLN A 216 -9.59 7.66 4.51
CA GLN A 216 -8.41 6.97 5.01
C GLN A 216 -8.16 5.72 4.21
N ASN A 217 -6.90 5.30 4.08
CA ASN A 217 -6.58 3.96 3.60
C ASN A 217 -7.18 2.94 4.55
N SER A 218 -7.59 1.81 4.01
CA SER A 218 -8.31 0.78 4.78
C SER A 218 -7.56 0.22 6.01
N SER A 219 -6.25 0.41 6.08
CA SER A 219 -5.50 0.00 7.25
C SER A 219 -5.36 1.07 8.34
N GLY A 220 -5.97 2.25 8.16
CA GLY A 220 -5.82 3.33 9.14
C GLY A 220 -6.60 2.99 10.39
N THR A 221 -6.28 3.61 11.51
CA THR A 221 -7.11 3.35 12.67
C THR A 221 -8.44 4.14 12.58
N ASN A 222 -9.41 3.73 13.39
CA ASN A 222 -10.70 4.39 13.51
C ASN A 222 -10.65 5.63 14.44
N PHE A 223 -10.87 6.79 13.84
CA PHE A 223 -10.80 8.07 14.54
C PHE A 223 -11.92 8.14 15.60
N PHE A 224 -12.99 7.42 15.36
CA PHE A 224 -14.17 7.47 16.23
C PHE A 224 -14.13 6.36 17.32
N ASP A 225 -13.09 5.53 17.34
CA ASP A 225 -12.96 4.49 18.37
C ASP A 225 -12.88 5.10 19.77
N PRO A 226 -13.71 4.60 20.73
CA PRO A 226 -13.75 5.19 22.10
C PRO A 226 -12.42 5.05 22.84
N ASN A 227 -11.65 4.01 22.50
CA ASN A 227 -10.30 3.72 23.07
C ASN A 227 -9.15 4.43 22.36
N ALA A 228 -9.44 5.05 21.21
CA ALA A 228 -8.40 5.70 20.40
C ALA A 228 -7.78 6.83 21.20
N SER A 229 -6.48 6.99 21.03
CA SER A 229 -5.74 8.09 21.65
C SER A 229 -6.40 9.45 21.37
N SER A 230 -6.66 10.23 22.42
CA SER A 230 -7.20 11.59 22.28
C SER A 230 -6.46 12.49 21.30
N ASP A 231 -5.21 12.19 21.05
CA ASP A 231 -4.32 13.12 20.37
C ASP A 231 -4.29 12.96 18.86
N LEU A 232 -4.89 11.88 18.35
CA LEU A 232 -5.06 11.70 16.93
C LEU A 232 -5.71 12.94 16.36
N SER A 233 -5.13 13.46 15.27
CA SER A 233 -5.64 14.69 14.70
C SER A 233 -5.59 14.70 13.18
N PHE A 234 -6.38 15.56 12.57
CA PHE A 234 -6.24 15.82 11.18
C PHE A 234 -5.98 17.31 11.04
N LEU A 235 -5.38 17.68 9.92
CA LEU A 235 -5.10 19.08 9.59
C LEU A 235 -5.17 19.21 8.08
N THR A 236 -5.95 20.14 7.57
CA THR A 236 -6.05 20.31 6.11
C THR A 236 -5.04 21.39 5.71
N PRO A 237 -4.70 21.46 4.42
CA PRO A 237 -3.97 22.64 3.99
C PRO A 237 -4.97 23.78 3.87
N PRO A 238 -4.53 25.02 3.54
CA PRO A 238 -5.59 25.98 3.24
C PRO A 238 -6.17 25.58 1.88
N ILE A 239 -7.44 25.18 1.84
CA ILE A 239 -8.08 24.71 0.60
C ILE A 239 -8.70 25.91 -0.13
N PRO A 240 -8.30 26.15 -1.39
CA PRO A 240 -8.83 27.31 -2.13
C PRO A 240 -10.20 27.07 -2.78
N PHE A 241 -11.01 28.12 -2.82
CA PHE A 241 -12.27 28.06 -3.51
C PHE A 241 -12.60 29.42 -4.08
N THR A 242 -13.49 29.42 -5.07
CA THR A 242 -13.96 30.64 -5.72
C THR A 242 -15.47 30.63 -5.78
N TYR A 243 -16.09 31.79 -5.64
CA TYR A 243 -17.52 31.91 -5.86
C TYR A 243 -17.90 33.32 -6.27
N LEU A 244 -19.14 33.51 -6.71
CA LEU A 244 -19.64 34.83 -7.07
C LEU A 244 -20.27 35.50 -5.86
N GLY A 245 -19.83 36.72 -5.54
CA GLY A 245 -20.37 37.51 -4.42
C GLY A 245 -21.31 38.63 -4.88
N TYR A 246 -21.54 39.61 -4.02
CA TYR A 246 -22.29 40.81 -4.42
C TYR A 246 -21.51 41.76 -5.30
N TYR A 247 -22.19 42.33 -6.29
CA TYR A 247 -21.61 43.32 -7.19
C TYR A 247 -22.60 44.43 -7.50
N GLN A 248 -22.10 45.50 -8.14
CA GLN A 248 -22.95 46.51 -8.81
C GLN A 248 -23.21 46.21 -10.30
N PRO B 38 -5.77 48.79 -16.53
CA PRO B 38 -6.31 48.97 -15.17
C PRO B 38 -6.02 47.77 -14.29
N GLU B 39 -6.07 47.98 -12.98
CA GLU B 39 -5.65 46.96 -12.00
C GLU B 39 -6.61 45.76 -11.97
N VAL B 40 -7.89 46.07 -11.85
CA VAL B 40 -8.95 45.09 -11.86
C VAL B 40 -9.97 45.50 -12.93
N ALA B 41 -10.25 44.62 -13.88
CA ALA B 41 -11.28 44.92 -14.83
C ALA B 41 -12.33 43.83 -14.80
N THR B 42 -13.59 44.19 -15.06
CA THR B 42 -14.66 43.20 -15.05
C THR B 42 -15.39 43.17 -16.39
N TYR B 43 -16.00 42.02 -16.66
CA TYR B 43 -16.73 41.81 -17.88
C TYR B 43 -17.93 41.02 -17.55
N HIS B 44 -19.09 41.38 -18.08
CA HIS B 44 -20.23 40.51 -17.94
C HIS B 44 -21.07 40.53 -19.18
N CYS B 45 -21.76 39.43 -19.43
CA CYS B 45 -22.72 39.30 -20.51
C CYS B 45 -23.84 38.35 -20.06
N GLY B 46 -25.00 38.41 -20.72
CA GLY B 46 -26.16 37.64 -20.33
C GLY B 46 -27.11 38.34 -19.38
N ASP B 47 -28.08 37.59 -18.88
CA ASP B 47 -29.14 38.12 -18.03
C ASP B 47 -29.00 37.54 -16.63
N ASN B 48 -28.61 38.36 -15.68
CA ASN B 48 -28.40 37.86 -14.33
C ASN B 48 -29.65 37.40 -13.62
N LEU B 49 -30.82 37.78 -14.15
CA LEU B 49 -32.09 37.22 -13.68
C LEU B 49 -32.52 35.92 -14.35
N LEU B 50 -31.78 35.50 -15.37
CA LEU B 50 -31.96 34.19 -16.03
C LEU B 50 -33.36 34.01 -16.56
N GLU B 51 -33.84 35.04 -17.24
CA GLU B 51 -35.20 35.03 -17.76
C GLU B 51 -35.31 35.17 -19.26
N SER B 52 -34.21 35.55 -19.89
CA SER B 52 -34.15 35.65 -21.34
C SER B 52 -33.50 34.41 -21.96
N TYR B 53 -34.32 33.57 -22.57
CA TYR B 53 -33.78 32.39 -23.24
C TYR B 53 -33.38 32.75 -24.64
N ASP B 54 -32.35 33.57 -24.75
CA ASP B 54 -31.91 34.02 -26.06
C ASP B 54 -30.45 33.66 -26.38
N ILE B 55 -29.85 32.81 -25.55
CA ILE B 55 -28.47 32.38 -25.76
C ILE B 55 -28.43 31.02 -26.45
N PHE B 56 -27.64 30.96 -27.52
CA PHE B 56 -27.57 29.80 -28.37
C PHE B 56 -26.53 28.79 -27.85
N ALA B 57 -26.99 27.61 -27.47
CA ALA B 57 -26.10 26.55 -27.08
C ALA B 57 -26.02 25.47 -28.20
N SER B 58 -24.81 25.02 -28.54
CA SER B 58 -24.61 23.90 -29.45
C SER B 58 -24.72 22.53 -28.78
N LEU B 59 -25.27 21.56 -29.50
CA LEU B 59 -25.48 20.26 -28.88
C LEU B 59 -24.82 19.18 -29.70
N PRO B 60 -24.68 17.97 -29.14
CA PRO B 60 -24.25 16.85 -29.98
C PRO B 60 -25.22 16.65 -31.17
N ASN B 61 -24.68 16.13 -32.28
CA ASN B 61 -25.43 15.74 -33.48
C ASN B 61 -26.15 16.85 -34.17
N THR B 62 -25.45 17.94 -34.45
CA THR B 62 -26.05 19.04 -35.22
C THR B 62 -27.38 19.53 -34.63
N ASN B 63 -27.48 19.53 -33.31
CA ASN B 63 -28.64 20.15 -32.65
C ASN B 63 -28.24 21.45 -31.95
N ALA B 64 -29.24 22.21 -31.57
CA ALA B 64 -29.01 23.43 -30.87
C ALA B 64 -30.15 23.66 -29.87
N ALA B 65 -29.91 24.46 -28.85
CA ALA B 65 -30.95 24.78 -27.89
C ALA B 65 -30.72 26.20 -27.41
N LYS B 66 -31.76 26.84 -26.90
CA LYS B 66 -31.65 28.17 -26.32
C LYS B 66 -31.61 28.06 -24.81
N VAL B 67 -30.79 28.89 -24.18
CA VAL B 67 -30.65 28.85 -22.73
C VAL B 67 -30.65 30.28 -22.23
N ALA B 68 -30.87 30.46 -20.93
CA ALA B 68 -30.59 31.73 -20.30
C ALA B 68 -29.28 31.53 -19.54
N ALA B 69 -28.40 32.54 -19.61
CA ALA B 69 -27.06 32.42 -19.03
C ALA B 69 -26.56 33.77 -18.54
N TYR B 70 -25.66 33.73 -17.57
CA TYR B 70 -24.98 34.92 -17.08
C TYR B 70 -23.50 34.63 -16.82
N CYS B 71 -22.64 35.50 -17.35
CA CYS B 71 -21.20 35.30 -17.20
C CYS B 71 -20.56 36.53 -16.64
N ARG B 72 -19.74 36.38 -15.61
CA ARG B 72 -18.98 37.49 -15.05
C ARG B 72 -17.53 37.10 -14.91
N LEU B 73 -16.64 37.95 -15.42
CA LEU B 73 -15.21 37.74 -15.31
C LEU B 73 -14.56 38.91 -14.62
N ALA B 74 -13.53 38.61 -13.82
CA ALA B 74 -12.70 39.64 -13.23
C ALA B 74 -11.23 39.38 -13.59
N ALA B 75 -10.54 40.37 -14.15
CA ALA B 75 -9.15 40.19 -14.54
C ALA B 75 -8.24 41.08 -13.68
N ALA B 76 -7.23 40.47 -13.10
CA ALA B 76 -6.21 41.16 -12.35
C ALA B 76 -4.86 40.50 -12.64
N GLY B 77 -3.89 41.30 -13.08
CA GLY B 77 -2.54 40.79 -13.29
C GLY B 77 -2.42 39.80 -14.43
N GLY B 78 -3.39 39.81 -15.35
CA GLY B 78 -3.37 38.90 -16.49
C GLY B 78 -4.02 37.56 -16.17
N VAL B 79 -4.44 37.38 -14.92
CA VAL B 79 -5.17 36.19 -14.51
C VAL B 79 -6.65 36.55 -14.42
N VAL B 80 -7.51 35.71 -14.99
CA VAL B 80 -8.94 35.95 -15.03
C VAL B 80 -9.71 34.87 -14.25
N SER B 81 -10.57 35.31 -13.33
CA SER B 81 -11.44 34.40 -12.59
C SER B 81 -12.85 34.80 -12.88
N GLY B 82 -13.75 33.82 -12.96
CA GLY B 82 -15.10 34.15 -13.31
C GLY B 82 -16.09 33.04 -13.03
N THR B 83 -17.36 33.30 -13.32
CA THR B 83 -18.39 32.29 -13.14
C THR B 83 -19.28 32.29 -14.36
N ILE B 84 -19.89 31.14 -14.63
CA ILE B 84 -20.92 31.00 -15.64
C ILE B 84 -22.13 30.33 -14.97
N GLN B 85 -23.33 30.83 -15.26
CA GLN B 85 -24.54 30.21 -14.74
C GLN B 85 -25.52 30.02 -15.86
N VAL B 86 -26.15 28.86 -15.92
CA VAL B 86 -26.97 28.51 -17.06
C VAL B 86 -28.22 27.82 -16.61
N THR B 87 -29.32 28.07 -17.30
CA THR B 87 -30.59 27.36 -17.08
C THR B 87 -31.35 27.16 -18.39
N SER B 88 -32.15 26.11 -18.48
CA SER B 88 -33.02 25.85 -19.62
C SER B 88 -34.08 24.81 -19.26
N TYR B 89 -35.09 24.67 -20.10
CA TYR B 89 -36.17 23.71 -19.83
C TYR B 89 -36.46 22.82 -21.05
N ALA B 90 -37.09 21.68 -20.80
CA ALA B 90 -37.27 20.64 -21.82
C ALA B 90 -37.91 21.15 -23.10
N GLY B 91 -38.90 22.02 -22.96
CA GLY B 91 -39.53 22.64 -24.14
C GLY B 91 -38.56 23.04 -25.26
N ARG B 92 -37.33 23.44 -24.90
CA ARG B 92 -36.43 24.12 -25.84
C ARG B 92 -35.36 23.17 -26.40
N TRP B 93 -35.53 21.90 -26.06
CA TRP B 93 -34.46 20.98 -26.11
C TRP B 93 -34.91 19.89 -27.03
N PRO B 94 -33.97 19.28 -27.78
CA PRO B 94 -34.26 18.21 -28.75
C PRO B 94 -34.75 16.91 -28.13
N LYS B 95 -35.77 16.32 -28.75
CA LYS B 95 -36.38 15.10 -28.29
C LYS B 95 -35.70 13.84 -28.84
N VAL B 96 -34.41 13.69 -28.60
CA VAL B 96 -33.69 12.56 -29.16
C VAL B 96 -32.62 12.04 -28.19
N GLY B 97 -32.54 10.72 -28.15
CA GLY B 97 -31.68 10.07 -27.23
C GLY B 97 -32.34 9.97 -25.89
N ASN B 98 -31.52 9.59 -24.91
CA ASN B 98 -31.94 9.46 -23.54
C ASN B 98 -30.94 10.19 -22.61
N SER B 99 -31.42 11.19 -21.88
CA SER B 99 -30.55 11.97 -21.02
C SER B 99 -29.96 11.18 -19.85
N VAL B 100 -30.66 10.13 -19.42
CA VAL B 100 -30.18 9.33 -18.29
C VAL B 100 -28.93 8.56 -18.70
N THR B 101 -28.91 8.00 -19.90
CA THR B 101 -27.74 7.25 -20.34
C THR B 101 -26.74 8.13 -21.07
N ASP B 102 -27.20 9.16 -21.80
CA ASP B 102 -26.26 10.02 -22.54
C ASP B 102 -25.71 11.21 -21.75
N GLY B 103 -26.41 11.61 -20.69
CA GLY B 103 -26.14 12.86 -19.98
C GLY B 103 -26.75 14.01 -20.77
N ILE B 104 -26.93 15.16 -20.11
CA ILE B 104 -27.33 16.39 -20.80
C ILE B 104 -26.07 17.17 -21.16
N LYS B 105 -25.76 17.25 -22.45
CA LYS B 105 -24.50 17.85 -22.94
C LYS B 105 -24.76 19.03 -23.84
N PHE B 106 -23.97 20.07 -23.68
CA PHE B 106 -24.12 21.27 -24.50
C PHE B 106 -22.90 22.14 -24.28
N ALA B 107 -22.76 23.17 -25.12
CA ALA B 107 -21.63 24.07 -24.97
C ALA B 107 -22.05 25.48 -25.30
N ILE B 108 -21.47 26.43 -24.58
CA ILE B 108 -21.64 27.80 -25.00
C ILE B 108 -20.25 28.42 -25.17
N VAL B 109 -20.18 29.49 -25.96
CA VAL B 109 -18.95 30.21 -26.17
C VAL B 109 -19.03 31.61 -25.55
N VAL B 110 -18.06 31.98 -24.73
CA VAL B 110 -17.94 33.36 -24.31
C VAL B 110 -16.99 34.05 -25.30
N SER B 111 -17.40 35.20 -25.83
CA SER B 111 -16.62 35.83 -26.91
C SER B 111 -16.34 37.29 -26.63
N PRO B 112 -15.31 37.56 -25.80
CA PRO B 112 -14.87 38.93 -25.49
C PRO B 112 -14.62 39.87 -26.71
N PRO B 113 -14.01 39.37 -27.81
CA PRO B 113 -13.78 40.32 -28.90
C PRO B 113 -14.97 40.60 -29.81
N MET B 114 -16.18 40.24 -29.42
CA MET B 114 -17.32 40.38 -30.29
C MET B 114 -17.67 41.83 -30.58
N ASP B 115 -17.17 42.77 -29.77
CA ASP B 115 -17.35 44.20 -30.03
C ASP B 115 -16.64 44.66 -31.31
N LYS B 116 -15.49 44.05 -31.61
CA LYS B 116 -14.71 44.37 -32.82
C LYS B 116 -14.76 43.29 -33.90
N ASP B 117 -15.37 42.15 -33.59
CA ASP B 117 -15.45 41.01 -34.49
C ASP B 117 -16.78 40.35 -34.22
N PRO B 118 -17.85 40.86 -34.83
CA PRO B 118 -19.21 40.41 -34.54
C PRO B 118 -19.44 38.93 -34.90
N ARG B 119 -18.66 38.42 -35.84
CA ARG B 119 -18.82 37.04 -36.29
C ARG B 119 -18.39 36.01 -35.24
N SER B 120 -17.65 36.48 -34.23
CA SER B 120 -17.17 35.61 -33.16
C SER B 120 -18.23 35.36 -32.11
N ASN B 121 -19.34 36.11 -32.16
CA ASN B 121 -20.45 35.95 -31.22
C ASN B 121 -21.31 34.74 -31.52
N LEU B 122 -20.74 33.56 -31.27
CA LEU B 122 -21.36 32.30 -31.67
C LEU B 122 -22.58 31.94 -30.85
N SER B 123 -22.60 32.38 -29.61
CA SER B 123 -23.72 32.04 -28.72
C SER B 123 -24.75 33.14 -28.75
N GLN B 124 -24.40 34.20 -29.48
CA GLN B 124 -25.32 35.29 -29.78
C GLN B 124 -25.73 36.10 -28.55
N TRP B 125 -24.80 36.36 -27.62
CA TRP B 125 -25.10 37.27 -26.54
C TRP B 125 -25.52 38.62 -27.13
N LEU B 126 -26.55 39.23 -26.56
CA LEU B 126 -26.95 40.57 -26.98
C LEU B 126 -26.17 41.64 -26.23
N GLY B 127 -24.87 41.70 -26.49
CA GLY B 127 -23.99 42.71 -25.86
C GLY B 127 -23.26 42.30 -24.57
N ALA B 128 -22.29 43.13 -24.18
CA ALA B 128 -21.48 42.89 -22.97
C ALA B 128 -21.07 44.20 -22.31
N THR B 129 -20.86 44.20 -21.00
CA THR B 129 -20.42 45.41 -20.31
C THR B 129 -19.01 45.23 -19.75
N VAL B 130 -18.17 46.25 -19.87
CA VAL B 130 -16.81 46.22 -19.34
C VAL B 130 -16.67 47.35 -18.36
N PHE B 131 -16.00 47.11 -17.24
CA PHE B 131 -15.69 48.17 -16.28
C PHE B 131 -14.20 48.07 -15.91
N PRO B 132 -13.50 49.22 -15.76
CA PRO B 132 -13.92 50.60 -16.07
C PRO B 132 -14.17 50.75 -17.57
N ALA B 133 -15.08 51.66 -17.94
CA ALA B 133 -15.46 51.88 -19.35
C ALA B 133 -14.22 52.17 -20.21
N GLY B 134 -14.16 51.55 -21.38
CA GLY B 134 -12.97 51.71 -22.23
C GLY B 134 -11.71 50.99 -21.76
N ALA B 135 -11.84 50.02 -20.86
CA ALA B 135 -10.82 48.99 -20.69
C ALA B 135 -11.00 48.10 -21.92
N THR B 136 -9.93 47.64 -22.52
CA THR B 136 -10.04 46.82 -23.70
C THR B 136 -10.65 45.42 -23.37
N THR B 137 -11.54 44.92 -24.21
CA THR B 137 -12.04 43.55 -24.06
C THR B 137 -10.93 42.51 -24.21
N ALA B 138 -9.82 42.90 -24.85
CA ALA B 138 -8.70 41.99 -25.11
C ALA B 138 -8.25 41.31 -23.82
N LEU B 139 -8.35 42.02 -22.70
CA LEU B 139 -7.98 41.48 -21.39
C LEU B 139 -8.67 40.16 -21.05
N PHE B 140 -9.84 39.91 -21.64
CA PHE B 140 -10.62 38.73 -21.25
C PHE B 140 -10.48 37.56 -22.20
N SER B 141 -9.71 37.76 -23.29
CA SER B 141 -9.37 36.66 -24.20
C SER B 141 -8.27 35.79 -23.63
N PRO B 142 -8.37 34.45 -23.81
CA PRO B 142 -7.26 33.58 -23.39
C PRO B 142 -5.94 34.07 -23.97
N ASN B 143 -4.90 34.04 -23.13
CA ASN B 143 -3.58 34.50 -23.51
C ASN B 143 -3.07 33.96 -24.87
N PRO B 144 -2.54 34.84 -25.75
CA PRO B 144 -2.15 34.38 -27.10
C PRO B 144 -0.93 33.44 -27.12
N TYR B 145 0.06 33.70 -26.27
CA TYR B 145 1.22 32.80 -26.17
C TYR B 145 0.87 31.43 -25.59
N GLY B 146 0.02 31.43 -24.56
CA GLY B 146 -0.53 30.22 -23.96
C GLY B 146 -1.41 29.42 -24.92
N SER B 147 -2.10 30.14 -25.81
CA SER B 147 -3.05 29.53 -26.73
C SER B 147 -2.41 28.81 -27.90
N LEU B 148 -1.18 29.17 -28.22
CA LEU B 148 -0.50 28.58 -29.39
C LEU B 148 -0.43 27.06 -29.23
N ASN B 149 -0.96 26.31 -30.19
CA ASN B 149 -0.89 24.83 -30.15
C ASN B 149 -1.72 24.17 -29.07
N THR B 150 -2.40 24.96 -28.23
CA THR B 150 -3.34 24.40 -27.24
C THR B 150 -4.79 24.73 -27.53
N ILE B 151 -5.01 25.64 -28.50
CA ILE B 151 -6.31 26.13 -28.88
C ILE B 151 -7.13 25.11 -29.70
N THR B 152 -8.44 25.10 -29.54
CA THR B 152 -9.32 24.22 -30.34
C THR B 152 -9.89 25.08 -31.49
N THR B 153 -9.86 24.55 -32.72
CA THR B 153 -10.50 25.25 -33.84
C THR B 153 -11.88 24.68 -34.01
N LEU B 154 -12.88 25.53 -33.88
CA LEU B 154 -14.26 25.06 -33.93
C LEU B 154 -14.72 24.73 -35.34
N PRO B 155 -15.68 23.80 -35.49
CA PRO B 155 -16.31 23.64 -36.80
C PRO B 155 -16.69 25.01 -37.37
N SER B 156 -16.45 25.19 -38.67
CA SER B 156 -16.51 26.50 -39.34
C SER B 156 -17.92 26.99 -39.61
N ILE B 157 -18.92 26.20 -39.23
CA ILE B 157 -20.31 26.59 -39.44
C ILE B 157 -20.85 27.20 -38.14
N ALA B 158 -21.37 28.42 -38.25
CA ALA B 158 -21.81 29.24 -37.10
C ALA B 158 -22.96 28.65 -36.27
N SER B 159 -23.69 27.68 -36.78
CA SER B 159 -24.80 27.10 -36.02
C SER B 159 -24.55 25.69 -35.45
N ASP B 160 -23.32 25.17 -35.60
CA ASP B 160 -23.01 23.78 -35.27
C ASP B 160 -21.57 23.57 -34.80
N TRP B 161 -21.22 24.09 -33.64
CA TRP B 161 -19.81 24.09 -33.27
C TRP B 161 -19.48 23.30 -32.00
N TYR B 162 -20.37 22.40 -31.61
CA TYR B 162 -20.14 21.55 -30.45
C TYR B 162 -18.96 20.63 -30.72
N VAL B 163 -18.07 20.48 -29.75
CA VAL B 163 -16.92 19.56 -29.84
C VAL B 163 -16.96 18.65 -28.61
N PRO B 164 -16.99 17.31 -28.83
CA PRO B 164 -17.06 16.43 -27.63
C PRO B 164 -15.79 16.61 -26.81
N GLU B 165 -15.89 16.46 -25.48
CA GLU B 165 -14.74 16.62 -24.57
C GLU B 165 -13.48 15.98 -25.12
N SER B 166 -13.59 14.74 -25.57
CA SER B 166 -12.41 14.00 -25.99
C SER B 166 -11.73 14.52 -27.28
N ASN B 167 -12.38 15.43 -28.00
CA ASN B 167 -11.77 16.09 -29.19
C ASN B 167 -11.28 17.49 -28.93
N LEU B 168 -11.48 17.99 -27.71
CA LEU B 168 -10.96 19.29 -27.38
C LEU B 168 -9.45 19.15 -27.28
N VAL B 169 -8.73 20.10 -27.83
CA VAL B 169 -7.29 20.00 -27.82
C VAL B 169 -6.74 20.00 -26.38
N THR B 170 -7.10 21.02 -25.59
CA THR B 170 -6.76 21.08 -24.19
C THR B 170 -7.94 21.66 -23.41
N TYR B 171 -8.00 21.41 -22.11
CA TYR B 171 -9.01 22.06 -21.27
C TYR B 171 -8.66 21.96 -19.79
N THR B 172 -9.41 22.66 -18.96
CA THR B 172 -9.39 22.50 -17.52
C THR B 172 -10.77 22.01 -17.09
N LYS B 173 -10.85 21.11 -16.12
CA LYS B 173 -12.12 20.54 -15.69
C LYS B 173 -12.56 20.98 -14.27
N ILE B 174 -13.81 21.37 -14.14
CA ILE B 174 -14.44 21.68 -12.85
C ILE B 174 -15.65 20.76 -12.59
N HIS B 175 -15.78 20.29 -11.35
CA HIS B 175 -16.88 19.45 -10.94
C HIS B 175 -17.84 20.23 -10.08
N PHE B 176 -19.12 20.09 -10.33
CA PHE B 176 -20.15 20.78 -9.58
C PHE B 176 -21.40 19.91 -9.48
N LYS B 177 -22.40 20.38 -8.72
CA LYS B 177 -23.70 19.76 -8.73
C LYS B 177 -24.77 20.74 -9.17
N PRO B 178 -25.51 20.39 -10.25
CA PRO B 178 -26.59 21.27 -10.66
C PRO B 178 -27.87 20.93 -9.90
N THR B 179 -28.91 21.75 -10.08
CA THR B 179 -30.24 21.44 -9.56
C THR B 179 -31.27 21.49 -10.69
N GLY B 180 -32.52 21.24 -10.35
CA GLY B 180 -33.57 21.26 -11.32
C GLY B 180 -34.82 20.59 -10.80
N SER B 181 -35.73 20.27 -11.71
CA SER B 181 -36.96 19.59 -11.35
C SER B 181 -36.61 18.30 -10.63
N GLN B 182 -37.29 18.11 -9.49
CA GLN B 182 -37.06 16.97 -8.62
C GLN B 182 -37.04 15.65 -9.35
N GLN B 183 -37.86 15.50 -10.39
CA GLN B 183 -38.01 14.21 -11.06
C GLN B 183 -36.86 13.86 -11.98
N LEU B 184 -36.00 14.83 -12.27
CA LEU B 184 -34.81 14.57 -13.10
C LEU B 184 -33.74 13.87 -12.29
N GLN B 185 -33.72 14.10 -10.97
CA GLN B 185 -32.71 13.53 -10.07
C GLN B 185 -31.27 13.75 -10.55
N LEU B 186 -30.94 15.02 -10.76
CA LEU B 186 -29.64 15.44 -11.25
C LEU B 186 -28.67 15.18 -10.13
N ALA B 187 -27.55 14.56 -10.45
CA ALA B 187 -26.60 14.11 -9.44
C ALA B 187 -25.31 14.93 -9.47
N SER B 188 -24.80 15.25 -10.67
CA SER B 188 -23.56 15.99 -10.77
C SER B 188 -23.39 16.61 -12.15
N GLY B 189 -22.30 17.36 -12.32
CA GLY B 189 -21.97 17.98 -13.59
C GLY B 189 -20.49 18.28 -13.70
N GLU B 190 -20.04 18.41 -14.94
CA GLU B 190 -18.70 18.87 -15.26
C GLU B 190 -18.74 20.06 -16.19
N LEU B 191 -17.81 20.96 -16.01
CA LEU B 191 -17.59 22.05 -16.92
C LEU B 191 -16.16 21.86 -17.45
N VAL B 192 -15.96 22.02 -18.75
CA VAL B 192 -14.60 22.05 -19.30
C VAL B 192 -14.38 23.40 -19.95
N VAL B 193 -13.24 24.02 -19.67
CA VAL B 193 -12.94 25.37 -20.13
C VAL B 193 -11.78 25.24 -21.11
N ALA B 194 -12.04 25.54 -22.36
CA ALA B 194 -11.05 25.42 -23.45
C ALA B 194 -10.84 26.73 -24.20
N ALA B 195 -9.60 27.07 -24.54
CA ALA B 195 -9.38 28.22 -25.39
C ALA B 195 -9.74 27.77 -26.80
N ALA B 196 -10.41 28.63 -27.56
CA ALA B 196 -10.92 28.26 -28.89
C ALA B 196 -10.88 29.41 -29.90
N LYS B 197 -10.98 29.05 -31.18
CA LYS B 197 -11.16 30.04 -32.22
C LYS B 197 -11.97 29.44 -33.33
N SER B 198 -12.70 30.31 -34.07
CA SER B 198 -13.56 29.91 -35.19
C SER B 198 -12.90 30.39 -36.45
N PRO B 199 -12.95 29.56 -37.52
CA PRO B 199 -12.44 30.02 -38.83
C PRO B 199 -13.23 31.26 -39.37
N VAL B 200 -14.49 31.44 -38.94
CA VAL B 200 -15.30 32.59 -39.40
C VAL B 200 -14.87 33.92 -38.78
N GLN B 201 -14.07 33.85 -37.73
CA GLN B 201 -13.59 35.09 -37.07
C GLN B 201 -12.77 35.95 -38.01
N THR B 202 -12.80 37.27 -37.82
CA THR B 202 -11.88 38.14 -38.56
C THR B 202 -10.72 38.66 -37.69
N THR B 203 -10.71 38.36 -36.40
CA THR B 203 -9.60 38.86 -35.56
C THR B 203 -8.82 37.73 -34.95
N LYS B 204 -7.67 38.06 -34.39
CA LYS B 204 -6.80 37.05 -33.78
C LYS B 204 -7.16 36.72 -32.34
N TYR B 205 -8.12 37.42 -31.75
CA TYR B 205 -8.49 37.22 -30.36
C TYR B 205 -9.29 35.95 -30.09
N GLU B 206 -8.87 35.24 -29.04
CA GLU B 206 -9.42 33.93 -28.71
C GLU B 206 -10.74 33.98 -27.96
N LEU B 207 -11.47 32.89 -28.05
CA LEU B 207 -12.74 32.77 -27.39
C LEU B 207 -12.58 31.77 -26.26
N ILE B 208 -13.60 31.69 -25.41
CA ILE B 208 -13.65 30.68 -24.38
C ILE B 208 -14.77 29.70 -24.71
N TYR B 209 -14.42 28.45 -24.87
CA TYR B 209 -15.42 27.41 -25.07
C TYR B 209 -15.74 26.74 -23.73
N LEU B 210 -17.02 26.70 -23.37
CA LEU B 210 -17.47 26.07 -22.11
C LEU B 210 -18.32 24.86 -22.43
N GLY B 211 -17.81 23.65 -22.21
CA GLY B 211 -18.58 22.44 -22.46
C GLY B 211 -19.14 21.88 -21.18
N PHE B 212 -20.44 21.55 -21.19
CA PHE B 212 -21.15 21.13 -19.99
C PHE B 212 -21.61 19.66 -20.11
N THR B 213 -21.54 18.93 -19.01
CA THR B 213 -22.17 17.61 -18.93
C THR B 213 -22.88 17.50 -17.59
N LEU B 214 -24.19 17.28 -17.64
CA LEU B 214 -24.95 17.03 -16.43
C LEU B 214 -25.34 15.56 -16.41
N LYS B 215 -25.28 14.94 -15.24
CA LYS B 215 -25.58 13.53 -15.08
C LYS B 215 -26.71 13.33 -14.08
N GLN B 216 -27.50 12.28 -14.34
CA GLN B 216 -28.70 11.98 -13.55
C GLN B 216 -28.51 10.66 -12.85
N ASN B 217 -29.18 10.48 -11.69
CA ASN B 217 -29.35 9.13 -11.18
C ASN B 217 -30.20 8.28 -12.15
N SER B 218 -29.95 6.96 -12.17
CA SER B 218 -30.57 6.08 -13.16
C SER B 218 -32.11 6.02 -13.10
N SER B 219 -32.68 6.43 -11.97
CA SER B 219 -34.13 6.50 -11.92
C SER B 219 -34.75 7.84 -12.35
N GLY B 220 -33.97 8.83 -12.79
CA GLY B 220 -34.54 10.10 -13.22
C GLY B 220 -35.33 9.96 -14.51
N THR B 221 -36.23 10.92 -14.83
CA THR B 221 -36.95 10.87 -16.11
C THR B 221 -36.09 11.39 -17.26
N ASN B 222 -36.36 10.92 -18.48
CA ASN B 222 -35.58 11.31 -19.64
C ASN B 222 -35.94 12.72 -20.09
N PHE B 223 -35.00 13.67 -19.93
CA PHE B 223 -35.18 15.08 -20.31
C PHE B 223 -35.54 15.20 -21.80
N PHE B 224 -35.06 14.27 -22.63
CA PHE B 224 -35.27 14.33 -24.08
C PHE B 224 -36.54 13.61 -24.54
N ASP B 225 -37.30 13.03 -23.61
CA ASP B 225 -38.53 12.32 -23.99
C ASP B 225 -39.55 13.27 -24.62
N PRO B 226 -40.11 12.88 -25.80
CA PRO B 226 -41.07 13.78 -26.49
C PRO B 226 -42.33 14.07 -25.67
N ASN B 227 -42.76 13.14 -24.82
CA ASN B 227 -43.93 13.34 -23.93
C ASN B 227 -43.57 13.89 -22.55
N ALA B 228 -42.30 14.26 -22.36
CA ALA B 228 -41.90 14.85 -21.08
C ALA B 228 -42.54 16.22 -20.93
N SER B 229 -42.95 16.54 -19.71
CA SER B 229 -43.43 17.88 -19.40
C SER B 229 -42.46 18.97 -19.87
N SER B 230 -42.96 19.93 -20.65
CA SER B 230 -42.18 21.10 -21.09
C SER B 230 -41.37 21.85 -20.03
N ASP B 231 -41.87 21.79 -18.79
CA ASP B 231 -41.39 22.62 -17.69
C ASP B 231 -40.19 22.05 -16.92
N LEU B 232 -39.87 20.79 -17.17
CA LEU B 232 -38.65 20.20 -16.64
C LEU B 232 -37.45 21.11 -16.94
N SER B 233 -36.69 21.46 -15.91
CA SER B 233 -35.60 22.37 -16.12
C SER B 233 -34.38 21.98 -15.33
N PHE B 234 -33.23 22.47 -15.77
CA PHE B 234 -32.02 22.40 -14.97
C PHE B 234 -31.52 23.81 -14.74
N LEU B 235 -30.77 23.98 -13.66
CA LEU B 235 -30.20 25.25 -13.29
C LEU B 235 -28.87 24.95 -12.59
N THR B 236 -27.77 25.52 -13.09
CA THR B 236 -26.48 25.35 -12.47
C THR B 236 -26.28 26.44 -11.42
N PRO B 237 -25.35 26.23 -10.48
CA PRO B 237 -24.97 27.36 -9.67
C PRO B 237 -24.00 28.21 -10.50
N PRO B 238 -23.55 29.38 -9.98
CA PRO B 238 -22.49 30.04 -10.74
C PRO B 238 -21.20 29.22 -10.61
N ILE B 239 -20.73 28.58 -11.68
CA ILE B 239 -19.59 27.70 -11.64
C ILE B 239 -18.32 28.53 -11.88
N PRO B 240 -17.35 28.51 -10.92
CA PRO B 240 -16.15 29.31 -11.03
C PRO B 240 -15.08 28.68 -11.92
N PHE B 241 -14.37 29.52 -12.66
CA PHE B 241 -13.22 29.03 -13.44
C PHE B 241 -12.16 30.10 -13.52
N THR B 242 -10.92 29.71 -13.79
CA THR B 242 -9.80 30.64 -13.89
C THR B 242 -9.03 30.33 -15.17
N TYR B 243 -8.52 31.37 -15.82
CA TYR B 243 -7.62 31.14 -16.96
C TYR B 243 -6.69 32.32 -17.13
N LEU B 244 -5.67 32.15 -17.96
CA LEU B 244 -4.71 33.21 -18.25
C LEU B 244 -5.23 34.07 -19.41
N GLY B 245 -5.25 35.39 -19.23
CA GLY B 245 -5.71 36.31 -20.27
C GLY B 245 -4.58 37.12 -20.86
N TYR B 246 -4.88 38.21 -21.54
CA TYR B 246 -3.82 39.12 -22.06
C TYR B 246 -3.14 39.90 -20.95
N TYR B 247 -1.83 40.09 -21.11
CA TYR B 247 -1.03 40.89 -20.18
C TYR B 247 0.04 41.70 -20.94
N GLN B 248 0.74 42.58 -20.21
CA GLN B 248 2.00 43.21 -20.65
C GLN B 248 3.25 42.45 -20.11
N PRO C 38 1.30 46.44 -2.03
CA PRO C 38 0.49 46.91 -3.17
C PRO C 38 -0.78 46.07 -3.31
N GLU C 39 -1.79 46.62 -3.98
CA GLU C 39 -3.10 45.95 -4.13
C GLU C 39 -3.06 44.64 -4.93
N VAL C 40 -2.48 44.74 -6.13
CA VAL C 40 -2.28 43.61 -7.01
C VAL C 40 -0.79 43.51 -7.38
N ALA C 41 -0.18 42.36 -7.16
CA ALA C 41 1.21 42.19 -7.60
C ALA C 41 1.26 40.99 -8.50
N THR C 42 2.18 41.00 -9.46
CA THR C 42 2.34 39.85 -10.34
C THR C 42 3.77 39.36 -10.35
N TYR C 43 3.94 38.09 -10.68
CA TYR C 43 5.22 37.45 -10.67
C TYR C 43 5.22 36.55 -11.88
N HIS C 44 6.30 36.55 -12.65
CA HIS C 44 6.46 35.55 -13.70
C HIS C 44 7.90 35.09 -13.84
N CYS C 45 8.06 33.82 -14.20
CA CYS C 45 9.35 33.25 -14.52
C CYS C 45 9.17 32.27 -15.67
N GLY C 46 10.26 31.91 -16.33
CA GLY C 46 10.22 31.00 -17.48
C GLY C 46 10.13 31.74 -18.81
N ASP C 47 9.95 30.98 -19.88
CA ASP C 47 9.89 31.52 -21.24
C ASP C 47 8.46 31.38 -21.77
N ASN C 48 7.77 32.50 -21.97
CA ASN C 48 6.39 32.44 -22.48
C ASN C 48 6.23 31.93 -23.89
N LEU C 49 7.32 31.86 -24.63
CA LEU C 49 7.33 31.27 -25.97
C LEU C 49 7.64 29.77 -25.92
N LEU C 50 7.96 29.25 -24.73
CA LEU C 50 8.20 27.82 -24.53
C LEU C 50 9.25 27.24 -25.48
N GLU C 51 10.36 27.93 -25.64
CA GLU C 51 11.37 27.52 -26.58
C GLU C 51 12.69 27.23 -25.92
N SER C 52 12.84 27.63 -24.65
CA SER C 52 14.05 27.39 -23.89
C SER C 52 13.89 26.21 -22.95
N TYR C 53 14.48 25.07 -23.31
CA TYR C 53 14.38 23.88 -22.48
C TYR C 53 15.45 23.89 -21.40
N ASP C 54 15.41 24.90 -20.54
CA ASP C 54 16.41 25.04 -19.49
C ASP C 54 15.86 24.88 -18.05
N ILE C 55 14.64 24.38 -17.91
CA ILE C 55 14.03 24.17 -16.61
C ILE C 55 14.16 22.71 -16.16
N PHE C 56 14.58 22.53 -14.92
CA PHE C 56 14.91 21.21 -14.40
C PHE C 56 13.72 20.51 -13.76
N ALA C 57 13.33 19.34 -14.26
CA ALA C 57 12.25 18.56 -13.64
C ALA C 57 12.77 17.31 -12.98
N SER C 58 12.27 17.00 -11.79
CA SER C 58 12.57 15.75 -11.12
C SER C 58 11.58 14.70 -11.53
N LEU C 59 12.07 13.54 -11.87
CA LEU C 59 11.22 12.44 -12.27
C LEU C 59 11.25 11.36 -11.18
N PRO C 60 10.27 10.43 -11.19
CA PRO C 60 10.35 9.32 -10.26
C PRO C 60 11.61 8.45 -10.46
N ASN C 61 11.97 7.72 -9.41
CA ASN C 61 13.07 6.75 -9.45
C ASN C 61 14.39 7.40 -9.83
N THR C 62 14.64 8.57 -9.26
CA THR C 62 15.99 9.11 -9.32
C THR C 62 16.30 9.53 -10.77
N ASN C 63 15.41 10.30 -11.40
CA ASN C 63 15.67 10.75 -12.75
C ASN C 63 15.41 12.25 -12.91
N ALA C 64 15.85 12.84 -14.02
CA ALA C 64 15.61 14.25 -14.26
C ALA C 64 15.44 14.52 -15.74
N ALA C 65 14.76 15.61 -16.09
CA ALA C 65 14.55 15.96 -17.49
C ALA C 65 14.49 17.46 -17.58
N LYS C 66 14.71 18.00 -18.77
CA LYS C 66 14.60 19.45 -18.97
C LYS C 66 13.29 19.71 -19.70
N VAL C 67 12.66 20.82 -19.36
CA VAL C 67 11.37 21.21 -19.94
C VAL C 67 11.46 22.69 -20.24
N ALA C 68 10.49 23.20 -20.99
CA ALA C 68 10.28 24.63 -21.14
C ALA C 68 8.99 24.91 -20.35
N ALA C 69 8.96 26.00 -19.60
CA ALA C 69 7.85 26.26 -18.70
C ALA C 69 7.65 27.75 -18.56
N TYR C 70 6.43 28.13 -18.19
CA TYR C 70 6.10 29.53 -17.95
C TYR C 70 5.11 29.59 -16.81
N CYS C 71 5.39 30.49 -15.88
CA CYS C 71 4.56 30.61 -14.71
C CYS C 71 4.17 32.04 -14.51
N ARG C 72 2.89 32.29 -14.26
CA ARG C 72 2.45 33.62 -13.91
C ARG C 72 1.56 33.59 -12.67
N LEU C 73 1.90 34.42 -11.67
CA LEU C 73 1.08 34.53 -10.48
C LEU C 73 0.58 35.95 -10.27
N ALA C 74 -0.66 36.07 -9.81
CA ALA C 74 -1.18 37.37 -9.41
C ALA C 74 -1.66 37.28 -7.95
N ALA C 75 -1.20 38.20 -7.11
CA ALA C 75 -1.52 38.18 -5.73
C ALA C 75 -2.39 39.39 -5.37
N ALA C 76 -3.52 39.15 -4.68
CA ALA C 76 -4.38 40.22 -4.23
C ALA C 76 -4.95 39.80 -2.90
N GLY C 77 -4.81 40.65 -1.88
CA GLY C 77 -5.42 40.41 -0.58
C GLY C 77 -4.90 39.16 0.11
N GLY C 78 -3.71 38.69 -0.29
CA GLY C 78 -3.10 37.53 0.36
C GLY C 78 -3.45 36.24 -0.36
N VAL C 79 -4.28 36.34 -1.37
CA VAL C 79 -4.67 35.16 -2.14
C VAL C 79 -3.98 35.22 -3.51
N VAL C 80 -3.38 34.12 -3.92
CA VAL C 80 -2.57 34.09 -5.16
C VAL C 80 -3.20 33.13 -6.16
N SER C 81 -3.44 33.63 -7.35
CA SER C 81 -3.95 32.80 -8.42
C SER C 81 -2.96 32.85 -9.53
N GLY C 82 -2.80 31.76 -10.25
CA GLY C 82 -1.79 31.74 -11.30
C GLY C 82 -1.96 30.59 -12.22
N THR C 83 -1.09 30.52 -13.21
CA THR C 83 -1.06 29.38 -14.11
C THR C 83 0.37 28.86 -14.28
N ILE C 84 0.48 27.57 -14.63
CA ILE C 84 1.76 26.98 -15.06
C ILE C 84 1.55 26.30 -16.39
N GLN C 85 2.49 26.46 -17.30
CA GLN C 85 2.41 25.81 -18.59
C GLN C 85 3.72 25.14 -18.87
N VAL C 86 3.69 23.88 -19.32
CA VAL C 86 4.93 23.09 -19.48
C VAL C 86 4.93 22.28 -20.77
N THR C 87 6.10 22.12 -21.37
CA THR C 87 6.24 21.32 -22.57
C THR C 87 7.61 20.65 -22.59
N SER C 88 7.70 19.50 -23.23
CA SER C 88 8.97 18.82 -23.43
C SER C 88 8.81 17.72 -24.50
N TYR C 89 9.92 17.13 -24.92
CA TYR C 89 9.88 16.13 -25.97
C TYR C 89 10.71 14.92 -25.57
N ALA C 90 10.46 13.78 -26.22
CA ALA C 90 11.05 12.47 -25.82
C ALA C 90 12.57 12.53 -25.74
N GLY C 91 13.19 13.33 -26.61
CA GLY C 91 14.62 13.49 -26.62
C GLY C 91 15.25 13.91 -25.32
N ARG C 92 14.50 14.58 -24.43
CA ARG C 92 15.09 15.06 -23.17
C ARG C 92 14.86 14.12 -22.03
N TRP C 93 14.13 13.05 -22.29
CA TRP C 93 13.56 12.18 -21.25
C TRP C 93 14.37 10.89 -21.07
N PRO C 94 14.56 10.43 -19.81
CA PRO C 94 15.27 9.14 -19.68
C PRO C 94 14.48 8.01 -20.32
N LYS C 95 15.13 6.91 -20.68
CA LYS C 95 14.43 5.84 -21.38
C LYS C 95 14.05 4.60 -20.51
N VAL C 96 13.46 4.82 -19.34
CA VAL C 96 13.04 3.69 -18.51
C VAL C 96 11.54 3.73 -18.28
N GLY C 97 10.95 2.54 -18.11
CA GLY C 97 9.53 2.39 -17.86
C GLY C 97 8.67 2.42 -19.10
N ASN C 98 7.37 2.37 -18.86
CA ASN C 98 6.38 2.49 -19.90
C ASN C 98 5.42 3.63 -19.54
N SER C 99 5.35 4.64 -20.38
CA SER C 99 4.49 5.79 -20.08
C SER C 99 3.01 5.46 -20.13
N VAL C 100 2.63 4.47 -20.95
CA VAL C 100 1.24 4.07 -21.05
C VAL C 100 0.73 3.47 -19.75
N THR C 101 1.55 2.66 -19.09
CA THR C 101 1.11 2.06 -17.84
C THR C 101 1.48 2.94 -16.65
N ASP C 102 2.63 3.61 -16.69
CA ASP C 102 3.09 4.35 -15.52
C ASP C 102 2.58 5.78 -15.47
N GLY C 103 2.12 6.31 -16.61
CA GLY C 103 1.89 7.74 -16.76
C GLY C 103 3.17 8.50 -17.01
N ILE C 104 3.07 9.72 -17.52
CA ILE C 104 4.24 10.63 -17.58
C ILE C 104 4.23 11.51 -16.33
N LYS C 105 5.21 11.34 -15.44
CA LYS C 105 5.22 11.97 -14.13
C LYS C 105 6.48 12.75 -13.96
N PHE C 106 6.36 13.97 -13.45
CA PHE C 106 7.49 14.82 -13.19
C PHE C 106 7.02 15.90 -12.23
N ALA C 107 7.96 16.66 -11.66
CA ALA C 107 7.62 17.78 -10.81
C ALA C 107 8.54 18.96 -11.05
N ILE C 108 8.00 20.18 -10.92
CA ILE C 108 8.83 21.34 -10.92
C ILE C 108 8.51 22.16 -9.68
N VAL C 109 9.44 23.03 -9.31
CA VAL C 109 9.31 23.84 -8.13
C VAL C 109 9.34 25.31 -8.53
N VAL C 110 8.33 26.06 -8.08
CA VAL C 110 8.35 27.49 -8.24
C VAL C 110 8.93 28.05 -6.97
N SER C 111 9.96 28.89 -7.11
CA SER C 111 10.69 29.36 -5.93
C SER C 111 10.81 30.88 -5.86
N PRO C 112 9.71 31.55 -5.42
CA PRO C 112 9.72 33.02 -5.29
C PRO C 112 10.89 33.63 -4.48
N PRO C 113 11.36 32.99 -3.38
CA PRO C 113 12.47 33.63 -2.65
C PRO C 113 13.86 33.36 -3.21
N MET C 114 13.97 32.96 -4.47
CA MET C 114 15.27 32.66 -5.05
C MET C 114 16.12 33.90 -5.22
N ASP C 115 15.51 35.08 -5.12
CA ASP C 115 16.26 36.30 -5.25
C ASP C 115 17.10 36.55 -4.01
N LYS C 116 16.65 36.04 -2.87
CA LYS C 116 17.39 36.20 -1.62
C LYS C 116 17.94 34.90 -1.06
N ASP C 117 17.64 33.80 -1.73
CA ASP C 117 18.07 32.48 -1.33
C ASP C 117 18.26 31.68 -2.59
N PRO C 118 19.43 31.82 -3.22
CA PRO C 118 19.68 31.19 -4.52
C PRO C 118 19.61 29.68 -4.49
N ARG C 119 19.83 29.09 -3.32
CA ARG C 119 19.86 27.64 -3.16
C ARG C 119 18.47 27.01 -3.29
N SER C 120 17.45 27.84 -3.16
CA SER C 120 16.06 27.41 -3.29
C SER C 120 15.61 27.26 -4.75
N ASN C 121 16.44 27.73 -5.68
CA ASN C 121 16.12 27.61 -7.09
C ASN C 121 16.37 26.18 -7.60
N LEU C 122 15.53 25.24 -7.16
CA LEU C 122 15.69 23.85 -7.52
C LEU C 122 15.41 23.50 -8.98
N SER C 123 14.52 24.24 -9.64
CA SER C 123 14.22 23.97 -11.03
C SER C 123 15.10 24.76 -11.98
N GLN C 124 16.07 25.48 -11.41
CA GLN C 124 17.03 26.29 -12.17
C GLN C 124 16.41 27.33 -13.12
N TRP C 125 15.36 28.04 -12.64
CA TRP C 125 14.76 29.15 -13.39
C TRP C 125 15.79 30.24 -13.61
N LEU C 126 15.46 31.18 -14.48
CA LEU C 126 16.34 32.30 -14.83
C LEU C 126 16.16 33.63 -14.11
N GLY C 127 15.13 33.83 -13.31
CA GLY C 127 15.18 35.10 -12.61
C GLY C 127 13.95 35.88 -12.98
N ALA C 128 13.14 36.17 -11.99
CA ALA C 128 11.80 36.65 -12.23
C ALA C 128 11.69 38.13 -12.54
N THR C 129 10.50 38.49 -13.00
CA THR C 129 10.06 39.86 -13.06
C THR C 129 8.86 39.94 -12.11
N VAL C 130 8.94 40.85 -11.14
CA VAL C 130 7.83 41.17 -10.23
C VAL C 130 7.32 42.54 -10.65
N PHE C 131 6.02 42.74 -10.59
CA PHE C 131 5.42 44.06 -10.83
C PHE C 131 4.38 44.38 -9.76
N PRO C 132 4.33 45.64 -9.27
CA PRO C 132 5.25 46.77 -9.49
C PRO C 132 6.63 46.47 -8.96
N ALA C 133 7.65 47.06 -9.59
CA ALA C 133 9.05 46.78 -9.22
C ALA C 133 9.27 47.07 -7.72
N GLY C 134 10.02 46.20 -7.07
CA GLY C 134 10.23 46.37 -5.62
C GLY C 134 9.03 46.07 -4.75
N ALA C 135 8.05 45.34 -5.28
CA ALA C 135 7.14 44.54 -4.46
C ALA C 135 7.96 43.35 -3.98
N THR C 136 7.80 42.96 -2.72
CA THR C 136 8.58 41.86 -2.18
C THR C 136 8.14 40.54 -2.84
N THR C 137 9.09 39.63 -3.09
CA THR C 137 8.74 38.31 -3.59
C THR C 137 8.06 37.48 -2.53
N ALA C 138 8.16 37.91 -1.28
CA ALA C 138 7.54 37.22 -0.14
C ALA C 138 6.08 36.98 -0.39
N LEU C 139 5.43 37.89 -1.12
CA LEU C 139 4.01 37.81 -1.38
C LEU C 139 3.61 36.52 -2.09
N PHE C 140 4.54 35.91 -2.79
CA PHE C 140 4.21 34.73 -3.60
C PHE C 140 4.59 33.39 -2.98
N SER C 141 5.17 33.44 -1.79
CA SER C 141 5.40 32.24 -1.00
C SER C 141 4.13 31.79 -0.30
N PRO C 142 3.90 30.44 -0.23
CA PRO C 142 2.78 29.91 0.56
C PRO C 142 2.78 30.46 1.98
N ASN C 143 1.59 30.80 2.48
CA ASN C 143 1.45 31.44 3.78
C ASN C 143 2.18 30.68 4.86
N PRO C 144 2.95 31.38 5.72
CA PRO C 144 3.73 30.68 6.77
C PRO C 144 2.90 30.02 7.88
N TYR C 145 1.77 30.62 8.26
CA TYR C 145 0.93 30.06 9.30
C TYR C 145 0.18 28.85 8.79
N GLY C 146 -0.28 28.94 7.54
CA GLY C 146 -0.94 27.85 6.82
C GLY C 146 -0.01 26.70 6.53
N SER C 147 1.28 27.00 6.37
CA SER C 147 2.29 26.00 6.02
C SER C 147 2.75 25.14 7.18
N LEU C 148 2.59 25.62 8.39
CA LEU C 148 2.95 24.82 9.56
C LEU C 148 2.29 23.44 9.60
N ASN C 149 3.13 22.42 9.71
CA ASN C 149 2.71 21.02 9.73
C ASN C 149 1.98 20.51 8.50
N THR C 150 1.79 21.34 7.46
CA THR C 150 1.19 20.94 6.17
C THR C 150 2.22 20.91 5.02
N ILE C 151 3.39 21.51 5.30
CA ILE C 151 4.49 21.60 4.33
C ILE C 151 5.23 20.27 4.04
N THR C 152 5.67 20.08 2.81
CA THR C 152 6.46 18.90 2.47
C THR C 152 7.92 19.31 2.48
N THR C 153 8.75 18.54 3.19
CA THR C 153 10.18 18.72 3.17
C THR C 153 10.74 17.84 2.08
N LEU C 154 11.38 18.47 1.11
CA LEU C 154 11.93 17.75 -0.04
C LEU C 154 13.23 17.01 0.27
N PRO C 155 13.49 15.88 -0.42
CA PRO C 155 14.83 15.27 -0.30
C PRO C 155 15.96 16.33 -0.50
N SER C 156 17.04 16.25 0.28
CA SER C 156 18.04 17.33 0.29
C SER C 156 19.16 17.19 -0.75
N ILE C 157 19.28 16.02 -1.36
CA ILE C 157 20.07 15.88 -2.60
C ILE C 157 19.35 16.67 -3.73
N ALA C 158 20.04 17.66 -4.33
CA ALA C 158 19.39 18.72 -5.16
C ALA C 158 19.15 18.37 -6.64
N SER C 159 19.47 17.12 -7.01
CA SER C 159 19.20 16.61 -8.36
C SER C 159 18.08 15.54 -8.33
N ASP C 160 17.35 15.47 -7.22
CA ASP C 160 16.47 14.34 -7.01
C ASP C 160 15.39 14.59 -5.97
N TRP C 161 14.59 15.62 -6.15
CA TRP C 161 13.63 15.99 -5.12
C TRP C 161 12.17 15.61 -5.44
N TYR C 162 11.96 14.77 -6.43
CA TYR C 162 10.61 14.29 -6.73
C TYR C 162 10.00 13.56 -5.54
N VAL C 163 8.74 13.86 -5.23
CA VAL C 163 7.99 13.16 -4.17
C VAL C 163 6.70 12.61 -4.76
N PRO C 164 6.46 11.29 -4.64
CA PRO C 164 5.21 10.76 -5.23
C PRO C 164 4.00 11.36 -4.53
N GLU C 165 2.88 11.50 -5.26
CA GLU C 165 1.68 12.19 -4.74
C GLU C 165 1.33 11.66 -3.36
N SER C 166 1.44 10.36 -3.19
CA SER C 166 0.99 9.77 -1.95
C SER C 166 1.93 10.02 -0.75
N ASN C 167 3.17 10.48 -0.96
CA ASN C 167 3.96 10.92 0.18
C ASN C 167 4.00 12.42 0.37
N LEU C 168 3.26 13.19 -0.45
CA LEU C 168 3.18 14.63 -0.18
C LEU C 168 2.38 14.80 1.09
N VAL C 169 2.82 15.70 1.96
CA VAL C 169 2.08 15.97 3.21
C VAL C 169 0.63 16.43 2.95
N THR C 170 0.46 17.54 2.22
CA THR C 170 -0.85 18.00 1.79
C THR C 170 -0.76 18.52 0.36
N TYR C 171 -1.90 18.63 -0.31
CA TYR C 171 -1.94 19.29 -1.63
C TYR C 171 -3.35 19.60 -2.09
N THR C 172 -3.43 20.38 -3.18
CA THR C 172 -4.70 20.61 -3.87
C THR C 172 -4.61 19.99 -5.26
N LYS C 173 -5.70 19.43 -5.78
CA LYS C 173 -5.62 18.72 -7.06
C LYS C 173 -6.49 19.36 -8.13
N ILE C 174 -5.92 19.52 -9.32
CA ILE C 174 -6.57 20.14 -10.48
C ILE C 174 -6.55 19.16 -11.66
N HIS C 175 -7.67 19.07 -12.39
CA HIS C 175 -7.81 18.16 -13.50
C HIS C 175 -7.79 18.93 -14.81
N PHE C 176 -7.04 18.43 -15.77
CA PHE C 176 -6.90 19.08 -17.07
C PHE C 176 -6.67 18.05 -18.17
N LYS C 177 -6.65 18.54 -19.40
CA LYS C 177 -6.29 17.66 -20.50
C LYS C 177 -5.11 18.27 -21.23
N PRO C 178 -3.99 17.53 -21.34
CA PRO C 178 -2.86 18.05 -22.10
C PRO C 178 -2.99 17.66 -23.58
N THR C 179 -2.15 18.24 -24.41
CA THR C 179 -2.08 17.84 -25.81
C THR C 179 -0.67 17.37 -26.15
N GLY C 180 -0.45 16.94 -27.37
CA GLY C 180 0.88 16.47 -27.78
C GLY C 180 0.79 15.74 -29.09
N SER C 181 1.86 15.05 -29.46
CA SER C 181 1.91 14.28 -30.68
C SER C 181 0.79 13.27 -30.71
N GLN C 182 0.08 13.21 -31.82
CA GLN C 182 -1.12 12.40 -31.92
C GLN C 182 -0.95 10.95 -31.45
N GLN C 183 0.21 10.35 -31.69
CA GLN C 183 0.45 8.94 -31.36
C GLN C 183 0.55 8.68 -29.88
N LEU C 184 0.69 9.73 -29.09
CA LEU C 184 0.77 9.57 -27.67
C LEU C 184 -0.59 9.30 -27.08
N GLN C 185 -1.64 9.81 -27.72
CA GLN C 185 -3.03 9.56 -27.33
C GLN C 185 -3.31 10.09 -25.93
N LEU C 186 -2.74 11.25 -25.60
CA LEU C 186 -2.90 11.83 -24.28
C LEU C 186 -4.37 12.02 -23.99
N ALA C 187 -4.81 11.56 -22.83
CA ALA C 187 -6.21 11.56 -22.47
C ALA C 187 -6.49 12.59 -21.37
N SER C 188 -5.64 12.69 -20.37
CA SER C 188 -5.92 13.60 -19.26
C SER C 188 -4.65 13.85 -18.44
N GLY C 189 -4.77 14.73 -17.45
CA GLY C 189 -3.68 14.98 -16.52
C GLY C 189 -4.13 15.59 -15.20
N GLU C 190 -3.28 15.42 -14.19
CA GLU C 190 -3.49 16.02 -12.89
C GLU C 190 -2.31 16.89 -12.51
N LEU C 191 -2.64 17.99 -11.83
CA LEU C 191 -1.66 18.81 -11.19
C LEU C 191 -1.95 18.75 -9.70
N VAL C 192 -0.90 18.51 -8.90
CA VAL C 192 -0.98 18.72 -7.46
C VAL C 192 -0.11 19.91 -7.06
N VAL C 193 -0.66 20.76 -6.22
CA VAL C 193 0.01 21.95 -5.73
C VAL C 193 0.26 21.77 -4.24
N ALA C 194 1.53 21.77 -3.85
CA ALA C 194 1.92 21.57 -2.45
C ALA C 194 2.87 22.64 -1.97
N ALA C 195 2.73 23.08 -0.73
CA ALA C 195 3.70 23.94 -0.15
C ALA C 195 4.88 23.06 0.20
N ALA C 196 6.08 23.56 -0.09
CA ALA C 196 7.30 22.75 0.11
C ALA C 196 8.45 23.58 0.64
N LYS C 197 9.42 22.87 1.22
CA LYS C 197 10.72 23.46 1.55
C LYS C 197 11.83 22.45 1.38
N SER C 198 13.05 22.95 1.27
CA SER C 198 14.24 22.13 1.09
C SER C 198 15.16 22.38 2.27
N PRO C 199 15.79 21.32 2.78
CA PRO C 199 16.80 21.52 3.84
C PRO C 199 18.01 22.41 3.39
N VAL C 200 18.30 22.46 2.09
CA VAL C 200 19.39 23.27 1.55
C VAL C 200 19.11 24.79 1.62
N GLN C 201 17.85 25.18 1.77
CA GLN C 201 17.47 26.59 1.80
C GLN C 201 18.09 27.33 2.95
N THR C 202 18.43 28.59 2.75
CA THR C 202 18.93 29.39 3.86
C THR C 202 17.87 30.36 4.40
N THR C 203 16.68 30.41 3.79
CA THR C 203 15.60 31.28 4.30
C THR C 203 14.34 30.58 4.74
N LYS C 204 13.50 31.38 5.39
CA LYS C 204 12.26 30.94 5.96
C LYS C 204 11.13 30.73 4.93
N TYR C 205 11.33 31.24 3.73
CA TYR C 205 10.28 31.33 2.73
C TYR C 205 10.02 30.04 1.98
N GLU C 206 8.75 29.69 1.89
CA GLU C 206 8.30 28.46 1.31
C GLU C 206 8.33 28.51 -0.21
N LEU C 207 8.42 27.32 -0.79
CA LEU C 207 8.32 27.11 -2.22
C LEU C 207 7.00 26.44 -2.58
N ILE C 208 6.73 26.39 -3.88
CA ILE C 208 5.54 25.72 -4.41
C ILE C 208 5.95 24.52 -5.24
N TYR C 209 5.58 23.33 -4.81
CA TYR C 209 5.90 22.15 -5.55
C TYR C 209 4.72 21.80 -6.43
N LEU C 210 4.96 21.66 -7.74
CA LEU C 210 3.92 21.26 -8.68
C LEU C 210 4.20 19.87 -9.25
N GLY C 211 3.40 18.88 -8.89
CA GLY C 211 3.59 17.54 -9.41
C GLY C 211 2.59 17.26 -10.48
N PHE C 212 3.06 16.69 -11.60
CA PHE C 212 2.25 16.49 -12.79
C PHE C 212 2.12 15.01 -13.09
N THR C 213 0.95 14.59 -13.54
CA THR C 213 0.76 13.24 -14.06
C THR C 213 -0.07 13.36 -15.33
N LEU C 214 0.49 12.90 -16.46
CA LEU C 214 -0.26 12.83 -17.72
C LEU C 214 -0.52 11.40 -18.07
N LYS C 215 -1.75 11.11 -18.51
CA LYS C 215 -2.18 9.75 -18.80
C LYS C 215 -2.51 9.61 -20.28
N GLN C 216 -2.25 8.41 -20.81
CA GLN C 216 -2.52 8.09 -22.19
C GLN C 216 -3.62 7.04 -22.31
N ASN C 217 -4.35 7.03 -23.43
CA ASN C 217 -5.14 5.86 -23.79
C ASN C 217 -4.21 4.67 -24.02
N SER C 218 -4.73 3.46 -23.81
CA SER C 218 -3.88 2.27 -23.82
C SER C 218 -3.24 1.96 -25.17
N SER C 219 -3.76 2.54 -26.24
CA SER C 219 -3.16 2.34 -27.55
C SER C 219 -2.07 3.36 -27.91
N GLY C 220 -1.76 4.30 -27.01
CA GLY C 220 -0.73 5.30 -27.27
C GLY C 220 0.65 4.66 -27.34
N THR C 221 1.61 5.29 -28.01
CA THR C 221 2.96 4.74 -27.97
C THR C 221 3.68 5.13 -26.66
N ASN C 222 4.66 4.33 -26.27
CA ASN C 222 5.45 4.59 -25.07
C ASN C 222 6.44 5.74 -25.23
N PHE C 223 6.20 6.83 -24.51
CA PHE C 223 7.08 8.01 -24.53
C PHE C 223 8.53 7.70 -24.13
N PHE C 224 8.71 6.71 -23.27
CA PHE C 224 10.02 6.37 -22.75
C PHE C 224 10.74 5.28 -23.59
N ASP C 225 10.13 4.82 -24.69
CA ASP C 225 10.75 3.84 -25.58
C ASP C 225 12.03 4.36 -26.19
N PRO C 226 13.14 3.61 -26.09
CA PRO C 226 14.44 4.10 -26.60
C PRO C 226 14.44 4.33 -28.13
N ASN C 227 13.59 3.61 -28.88
CA ASN C 227 13.47 3.79 -30.33
C ASN C 227 12.35 4.74 -30.73
N ALA C 228 11.63 5.31 -29.75
CA ALA C 228 10.59 6.31 -30.06
C ALA C 228 11.24 7.54 -30.67
N SER C 229 10.53 8.16 -31.61
CA SER C 229 11.00 9.35 -32.26
C SER C 229 11.29 10.44 -31.21
N SER C 230 12.46 11.08 -31.31
CA SER C 230 12.85 12.23 -30.47
C SER C 230 11.85 13.38 -30.36
N ASP C 231 10.97 13.49 -31.34
CA ASP C 231 10.14 14.66 -31.53
C ASP C 231 8.79 14.55 -30.87
N LEU C 232 8.46 13.35 -30.36
CA LEU C 232 7.25 13.19 -29.56
C LEU C 232 7.26 14.19 -28.43
N SER C 233 6.16 14.90 -28.25
CA SER C 233 6.12 15.93 -27.25
C SER C 233 4.77 16.00 -26.59
N PHE C 234 4.77 16.59 -25.40
CA PHE C 234 3.54 16.95 -24.74
C PHE C 234 3.55 18.45 -24.49
N LEU C 235 2.37 19.04 -24.36
CA LEU C 235 2.20 20.44 -24.09
C LEU C 235 0.91 20.59 -23.31
N THR C 236 0.97 21.21 -22.13
CA THR C 236 -0.20 21.42 -21.28
C THR C 236 -0.78 22.80 -21.64
N PRO C 237 -2.06 23.04 -21.30
CA PRO C 237 -2.54 24.40 -21.38
C PRO C 237 -1.98 25.14 -20.14
N PRO C 238 -2.23 26.46 -20.01
CA PRO C 238 -1.85 27.07 -18.74
C PRO C 238 -2.83 26.55 -17.67
N ILE C 239 -2.33 25.80 -16.70
CA ILE C 239 -3.18 25.19 -15.71
C ILE C 239 -3.33 26.13 -14.53
N PRO C 240 -4.58 26.54 -14.20
CA PRO C 240 -4.77 27.51 -13.10
C PRO C 240 -4.74 26.89 -11.71
N PHE C 241 -4.17 27.61 -10.76
CA PHE C 241 -4.24 27.19 -9.40
C PHE C 241 -4.29 28.39 -8.48
N THR C 242 -4.77 28.16 -7.25
CA THR C 242 -4.92 29.21 -6.24
C THR C 242 -4.33 28.73 -4.94
N TYR C 243 -3.70 29.63 -4.20
CA TYR C 243 -3.22 29.29 -2.86
C TYR C 243 -3.17 30.52 -1.98
N LEU C 244 -3.00 30.31 -0.68
CA LEU C 244 -2.82 31.42 0.26
C LEU C 244 -1.34 31.84 0.34
N GLY C 245 -1.07 33.14 0.14
CA GLY C 245 0.29 33.70 0.27
C GLY C 245 0.54 34.47 1.56
N TYR C 246 1.61 35.27 1.60
CA TYR C 246 1.87 36.18 2.73
C TYR C 246 0.92 37.35 2.75
N TYR C 247 0.48 37.72 3.95
CA TYR C 247 -0.40 38.87 4.14
C TYR C 247 -0.03 39.60 5.43
N GLN C 248 -0.62 40.80 5.62
CA GLN C 248 -0.65 41.54 6.91
C GLN C 248 -1.89 41.20 7.77
N PRO D 38 -0.84 -12.34 27.55
CA PRO D 38 -0.02 -13.33 28.27
C PRO D 38 1.23 -13.71 27.48
N GLU D 39 2.22 -14.25 28.17
CA GLU D 39 3.52 -14.56 27.55
C GLU D 39 3.45 -15.70 26.52
N VAL D 40 2.84 -16.80 26.92
CA VAL D 40 2.65 -17.97 26.10
C VAL D 40 1.17 -18.34 26.17
N ALA D 41 0.51 -18.40 25.02
CA ALA D 41 -0.88 -18.84 24.99
C ALA D 41 -0.97 -20.07 24.11
N THR D 42 -1.91 -20.97 24.40
CA THR D 42 -2.12 -22.14 23.55
C THR D 42 -3.54 -22.24 23.11
N TYR D 43 -3.75 -22.90 21.98
CA TYR D 43 -5.05 -23.06 21.37
C TYR D 43 -5.06 -24.47 20.80
N HIS D 44 -6.17 -25.18 21.01
CA HIS D 44 -6.36 -26.47 20.34
C HIS D 44 -7.80 -26.72 19.98
N CYS D 45 -8.00 -27.44 18.88
CA CYS D 45 -9.32 -27.88 18.48
C CYS D 45 -9.16 -29.24 17.81
N GLY D 46 -10.27 -29.97 17.71
CA GLY D 46 -10.28 -31.32 17.12
C GLY D 46 -10.17 -32.37 18.19
N ASP D 47 -10.02 -33.62 17.77
CA ASP D 47 -10.00 -34.77 18.68
C ASP D 47 -8.59 -35.37 18.68
N ASN D 48 -7.87 -35.26 19.79
CA ASN D 48 -6.50 -35.76 19.82
C ASN D 48 -6.37 -37.28 19.71
N LEU D 49 -7.48 -38.00 19.87
CA LEU D 49 -7.48 -39.43 19.70
C LEU D 49 -7.83 -39.80 18.27
N LEU D 50 -8.13 -38.80 17.44
CA LEU D 50 -8.41 -39.00 16.02
C LEU D 50 -9.47 -40.05 15.74
N GLU D 51 -10.54 -40.03 16.52
CA GLU D 51 -11.63 -40.99 16.36
C GLU D 51 -12.94 -40.39 15.92
N SER D 52 -13.05 -39.06 15.92
CA SER D 52 -14.27 -38.39 15.48
C SER D 52 -14.11 -37.83 14.08
N TYR D 53 -14.73 -38.48 13.11
CA TYR D 53 -14.63 -38.01 11.75
C TYR D 53 -15.68 -36.97 11.48
N ASP D 54 -15.58 -35.85 12.19
CA ASP D 54 -16.59 -34.79 12.04
C ASP D 54 -16.04 -33.47 11.50
N ILE D 55 -14.81 -33.47 11.03
CA ILE D 55 -14.19 -32.29 10.42
C ILE D 55 -14.35 -32.31 8.90
N PHE D 56 -14.75 -31.18 8.37
CA PHE D 56 -15.12 -31.07 6.99
C PHE D 56 -13.93 -30.62 6.16
N ALA D 57 -13.54 -31.37 5.14
CA ALA D 57 -12.41 -31.01 4.29
C ALA D 57 -12.84 -30.74 2.88
N SER D 58 -12.50 -29.58 2.34
CA SER D 58 -12.84 -29.30 0.94
C SER D 58 -11.83 -29.98 -0.02
N LEU D 59 -12.34 -30.52 -1.12
CA LEU D 59 -11.55 -31.25 -2.10
C LEU D 59 -11.62 -30.59 -3.48
N PRO D 60 -10.70 -30.93 -4.41
CA PRO D 60 -10.90 -30.35 -5.76
C PRO D 60 -12.17 -30.88 -6.44
N ASN D 61 -12.60 -30.21 -7.53
CA ASN D 61 -13.79 -30.59 -8.34
C ASN D 61 -15.13 -30.60 -7.61
N THR D 62 -15.28 -29.68 -6.64
CA THR D 62 -16.53 -29.47 -5.90
C THR D 62 -16.83 -30.49 -4.81
N ASN D 63 -16.08 -31.60 -4.74
CA ASN D 63 -16.35 -32.61 -3.69
C ASN D 63 -15.98 -32.16 -2.25
N ALA D 64 -16.29 -32.99 -1.24
CA ALA D 64 -15.93 -32.74 0.17
C ALA D 64 -15.76 -34.08 0.86
N ALA D 65 -15.08 -34.10 1.99
CA ALA D 65 -14.85 -35.34 2.74
C ALA D 65 -14.73 -35.06 4.25
N LYS D 66 -15.02 -36.07 5.06
CA LYS D 66 -14.88 -35.92 6.51
C LYS D 66 -13.56 -36.53 6.98
N VAL D 67 -12.91 -35.83 7.91
CA VAL D 67 -11.65 -36.33 8.44
C VAL D 67 -11.70 -36.22 9.96
N ALA D 68 -10.81 -36.90 10.65
CA ALA D 68 -10.54 -36.59 12.03
C ALA D 68 -9.23 -35.80 12.06
N ALA D 69 -9.18 -34.76 12.88
CA ALA D 69 -8.02 -33.86 12.89
C ALA D 69 -7.76 -33.30 14.29
N TYR D 70 -6.53 -32.90 14.54
CA TYR D 70 -6.19 -32.25 15.77
C TYR D 70 -5.19 -31.16 15.47
N CYS D 71 -5.43 -30.00 16.06
CA CYS D 71 -4.58 -28.85 15.87
C CYS D 71 -4.21 -28.22 17.20
N ARG D 72 -2.92 -27.99 17.40
CA ARG D 72 -2.43 -27.27 18.57
C ARG D 72 -1.54 -26.11 18.16
N LEU D 73 -1.75 -24.94 18.75
CA LEU D 73 -0.96 -23.75 18.44
C LEU D 73 -0.44 -23.14 19.73
N ALA D 74 0.80 -22.67 19.71
CA ALA D 74 1.36 -21.99 20.84
C ALA D 74 1.87 -20.68 20.34
N ALA D 75 1.43 -19.60 21.00
CA ALA D 75 1.83 -18.22 20.62
C ALA D 75 2.68 -17.54 21.68
N ALA D 76 3.84 -17.02 21.26
CA ALA D 76 4.73 -16.32 22.14
C ALA D 76 5.31 -15.18 21.32
N GLY D 77 5.18 -13.96 21.83
CA GLY D 77 5.82 -12.83 21.19
C GLY D 77 5.26 -12.45 19.83
N GLY D 78 4.04 -12.92 19.54
CA GLY D 78 3.40 -12.61 18.26
C GLY D 78 3.71 -13.66 17.22
N VAL D 79 4.54 -14.65 17.58
CA VAL D 79 4.92 -15.68 16.65
C VAL D 79 4.23 -16.96 17.11
N VAL D 80 3.63 -17.68 16.17
CA VAL D 80 2.82 -18.84 16.51
C VAL D 80 3.41 -20.07 15.87
N SER D 81 3.65 -21.10 16.67
CA SER D 81 4.09 -22.39 16.13
C SER D 81 3.05 -23.39 16.49
N GLY D 82 2.85 -24.39 15.65
CA GLY D 82 1.84 -25.39 15.92
C GLY D 82 1.98 -26.63 15.10
N THR D 83 1.09 -27.58 15.33
CA THR D 83 1.03 -28.77 14.49
C THR D 83 -0.40 -29.05 14.10
N ILE D 84 -0.55 -29.77 13.00
CA ILE D 84 -1.84 -30.27 12.55
C ILE D 84 -1.67 -31.74 12.24
N GLN D 85 -2.64 -32.55 12.67
CA GLN D 85 -2.60 -33.96 12.35
C GLN D 85 -3.95 -34.38 11.79
N VAL D 86 -3.93 -35.14 10.71
CA VAL D 86 -5.17 -35.53 10.04
C VAL D 86 -5.15 -37.01 9.64
N THR D 87 -6.33 -37.63 9.65
CA THR D 87 -6.50 -39.01 9.19
C THR D 87 -7.91 -39.18 8.61
N SER D 88 -8.06 -40.09 7.67
CA SER D 88 -9.35 -40.40 7.07
C SER D 88 -9.21 -41.72 6.32
N TYR D 89 -10.35 -42.28 5.88
CA TYR D 89 -10.35 -43.58 5.21
C TYR D 89 -11.22 -43.55 3.95
N ALA D 90 -10.99 -44.48 3.04
CA ALA D 90 -11.57 -44.41 1.71
C ALA D 90 -13.09 -44.32 1.69
N GLY D 91 -13.77 -44.93 2.66
CA GLY D 91 -15.24 -44.89 2.72
C GLY D 91 -15.82 -43.48 2.83
N ARG D 92 -15.04 -42.54 3.37
CA ARG D 92 -15.50 -41.16 3.51
C ARG D 92 -15.15 -40.27 2.33
N TRP D 93 -14.63 -40.89 1.27
CA TRP D 93 -14.03 -40.16 0.21
C TRP D 93 -14.81 -40.38 -1.08
N PRO D 94 -14.94 -39.35 -1.92
CA PRO D 94 -15.58 -39.52 -3.23
C PRO D 94 -14.81 -40.46 -4.15
N LYS D 95 -15.52 -41.07 -5.10
CA LYS D 95 -14.94 -42.10 -5.96
C LYS D 95 -14.71 -41.64 -7.40
N VAL D 96 -14.00 -40.54 -7.58
CA VAL D 96 -13.65 -40.04 -8.93
C VAL D 96 -12.18 -39.65 -9.04
N GLY D 97 -11.57 -39.97 -10.19
CA GLY D 97 -10.15 -39.73 -10.41
C GLY D 97 -9.32 -40.91 -9.96
N ASN D 98 -8.00 -40.71 -10.04
CA ASN D 98 -7.03 -41.70 -9.63
C ASN D 98 -6.03 -41.07 -8.66
N SER D 99 -5.96 -41.56 -7.43
CA SER D 99 -5.09 -40.95 -6.45
C SER D 99 -3.61 -41.12 -6.76
N VAL D 100 -3.26 -42.18 -7.49
CA VAL D 100 -1.85 -42.41 -7.89
C VAL D 100 -1.36 -41.29 -8.82
N THR D 101 -2.15 -40.92 -9.81
CA THR D 101 -1.74 -39.87 -10.75
C THR D 101 -2.08 -38.43 -10.27
N ASP D 102 -3.18 -38.25 -9.56
CA ASP D 102 -3.62 -36.91 -9.16
C ASP D 102 -3.10 -36.54 -7.80
N GLY D 103 -2.70 -37.53 -7.01
CA GLY D 103 -2.38 -37.31 -5.58
C GLY D 103 -3.66 -37.30 -4.74
N ILE D 104 -3.53 -37.44 -3.42
CA ILE D 104 -4.67 -37.21 -2.54
C ILE D 104 -4.60 -35.75 -2.06
N LYS D 105 -5.56 -34.93 -2.46
CA LYS D 105 -5.55 -33.50 -2.19
C LYS D 105 -6.78 -33.04 -1.44
N PHE D 106 -6.59 -32.25 -0.41
CA PHE D 106 -7.70 -31.72 0.35
C PHE D 106 -7.21 -30.49 1.12
N ALA D 107 -8.16 -29.74 1.70
CA ALA D 107 -7.81 -28.58 2.52
C ALA D 107 -8.68 -28.47 3.76
N ILE D 108 -8.12 -28.06 4.88
CA ILE D 108 -8.98 -27.73 6.00
C ILE D 108 -8.61 -26.33 6.47
N VAL D 109 -9.53 -25.70 7.19
CA VAL D 109 -9.34 -24.32 7.64
C VAL D 109 -9.38 -24.29 9.14
N VAL D 110 -8.34 -23.68 9.72
CA VAL D 110 -8.31 -23.46 11.15
C VAL D 110 -8.84 -22.04 11.33
N SER D 111 -9.84 -21.89 12.20
CA SER D 111 -10.55 -20.63 12.30
C SER D 111 -10.67 -20.14 13.73
N PRO D 112 -9.56 -19.57 14.25
CA PRO D 112 -9.51 -19.04 15.63
C PRO D 112 -10.63 -18.06 16.03
N PRO D 113 -11.11 -17.15 15.12
CA PRO D 113 -12.19 -16.25 15.57
C PRO D 113 -13.60 -16.84 15.49
N MET D 114 -13.74 -18.17 15.42
CA MET D 114 -15.07 -18.78 15.29
C MET D 114 -15.91 -18.59 16.55
N ASP D 115 -15.26 -18.26 17.67
CA ASP D 115 -15.98 -17.92 18.89
C ASP D 115 -16.83 -16.65 18.77
N LYS D 116 -16.32 -15.69 17.99
CA LYS D 116 -17.06 -14.44 17.77
C LYS D 116 -17.61 -14.26 16.36
N ASP D 117 -17.35 -15.23 15.51
CA ASP D 117 -17.79 -15.20 14.14
C ASP D 117 -18.03 -16.64 13.69
N PRO D 118 -19.21 -17.19 14.04
CA PRO D 118 -19.49 -18.62 13.82
C PRO D 118 -19.43 -18.99 12.34
N ARG D 119 -19.70 -18.03 11.47
CA ARG D 119 -19.74 -18.30 10.03
C ARG D 119 -18.36 -18.60 9.45
N SER D 120 -17.31 -18.28 10.20
CA SER D 120 -15.94 -18.57 9.77
C SER D 120 -15.52 -20.01 10.05
N ASN D 121 -16.37 -20.78 10.73
CA ASN D 121 -16.09 -22.17 11.03
C ASN D 121 -16.35 -23.07 9.83
N LEU D 122 -15.54 -22.89 8.80
CA LEU D 122 -15.73 -23.61 7.54
C LEU D 122 -15.48 -25.11 7.62
N SER D 123 -14.56 -25.56 8.46
CA SER D 123 -14.29 -26.99 8.63
C SER D 123 -15.17 -27.62 9.69
N GLN D 124 -16.03 -26.82 10.29
CA GLN D 124 -17.02 -27.30 11.28
C GLN D 124 -16.38 -27.92 12.49
N TRP D 125 -15.41 -27.24 13.08
CA TRP D 125 -14.80 -27.69 14.31
C TRP D 125 -15.80 -27.49 15.46
N LEU D 126 -15.44 -27.97 16.64
CA LEU D 126 -16.23 -27.73 17.83
C LEU D 126 -15.60 -26.76 18.85
N GLY D 127 -14.55 -27.16 19.51
CA GLY D 127 -14.30 -26.58 20.81
C GLY D 127 -13.49 -25.36 20.70
N ALA D 128 -12.20 -25.56 20.60
CA ALA D 128 -11.18 -24.57 20.85
C ALA D 128 -11.14 -24.46 22.35
N THR D 129 -9.96 -24.72 22.90
CA THR D 129 -9.70 -24.52 24.30
C THR D 129 -8.45 -23.68 24.31
N VAL D 130 -8.64 -22.44 24.70
CA VAL D 130 -7.56 -21.50 24.83
C VAL D 130 -7.06 -21.57 26.28
N PHE D 131 -5.75 -21.47 26.45
CA PHE D 131 -5.14 -21.34 27.76
C PHE D 131 -4.07 -20.23 27.73
N PRO D 132 -4.01 -19.38 28.77
CA PRO D 132 -4.89 -19.28 29.92
C PRO D 132 -6.29 -18.86 29.48
N ALA D 133 -7.30 -19.31 30.22
CA ALA D 133 -8.70 -18.98 29.90
C ALA D 133 -8.90 -17.46 29.80
N GLY D 134 -9.68 -17.05 28.80
CA GLY D 134 -9.84 -15.61 28.53
C GLY D 134 -8.60 -14.88 27.99
N ALA D 135 -7.66 -15.61 27.42
CA ALA D 135 -6.74 -15.05 26.44
C ALA D 135 -7.56 -14.92 25.16
N THR D 136 -7.39 -13.82 24.45
CA THR D 136 -8.19 -13.60 23.25
C THR D 136 -7.77 -14.59 22.15
N THR D 137 -8.74 -15.11 21.40
CA THR D 137 -8.43 -15.95 20.23
C THR D 137 -7.79 -15.14 19.11
N ALA D 138 -7.86 -13.82 19.18
CA ALA D 138 -7.21 -12.96 18.20
C ALA D 138 -5.73 -13.28 18.04
N LEU D 139 -5.08 -13.70 19.12
CA LEU D 139 -3.65 -14.01 19.09
C LEU D 139 -3.29 -15.08 18.07
N PHE D 140 -4.23 -15.94 17.72
CA PHE D 140 -3.88 -17.00 16.79
C PHE D 140 -4.28 -16.73 15.34
N SER D 141 -4.83 -15.56 15.07
CA SER D 141 -5.12 -15.19 13.70
C SER D 141 -3.82 -14.69 13.00
N PRO D 142 -3.65 -14.99 11.70
CA PRO D 142 -2.52 -14.43 10.99
C PRO D 142 -2.49 -12.94 11.16
N ASN D 143 -1.30 -12.37 11.32
CA ASN D 143 -1.14 -10.94 11.51
C ASN D 143 -1.89 -10.08 10.46
N PRO D 144 -2.62 -9.03 10.92
CA PRO D 144 -3.41 -8.21 9.97
C PRO D 144 -2.57 -7.35 9.03
N TYR D 145 -1.43 -6.87 9.49
CA TYR D 145 -0.57 -6.05 8.63
C TYR D 145 0.18 -6.88 7.59
N GLY D 146 0.72 -8.02 8.04
CA GLY D 146 1.26 -9.03 7.16
C GLY D 146 0.28 -9.59 6.13
N SER D 147 -1.02 -9.70 6.51
CA SER D 147 -2.05 -10.30 5.65
C SER D 147 -2.49 -9.38 4.51
N LEU D 148 -2.25 -8.07 4.66
CA LEU D 148 -2.63 -7.10 3.63
C LEU D 148 -2.09 -7.50 2.26
N ASN D 149 -2.97 -7.81 1.31
CA ASN D 149 -2.51 -8.10 -0.05
C ASN D 149 -1.76 -9.44 -0.20
N THR D 150 -1.61 -10.19 0.89
CA THR D 150 -1.05 -11.53 0.78
C THR D 150 -2.08 -12.62 1.06
N ILE D 151 -3.23 -12.22 1.59
CA ILE D 151 -4.34 -13.09 1.94
C ILE D 151 -5.07 -13.69 0.71
N THR D 152 -5.63 -14.88 0.89
CA THR D 152 -6.39 -15.55 -0.16
C THR D 152 -7.85 -15.41 0.21
N THR D 153 -8.67 -15.01 -0.75
CA THR D 153 -10.11 -14.89 -0.50
C THR D 153 -10.76 -16.16 -1.02
N LEU D 154 -11.39 -16.89 -0.13
CA LEU D 154 -11.94 -18.20 -0.45
C LEU D 154 -13.23 -18.08 -1.28
N PRO D 155 -13.52 -19.08 -2.12
CA PRO D 155 -14.87 -19.11 -2.71
C PRO D 155 -15.98 -18.91 -1.66
N SER D 156 -17.01 -18.15 -2.05
CA SER D 156 -18.17 -17.89 -1.16
C SER D 156 -19.05 -19.11 -0.89
N ILE D 157 -19.10 -20.06 -1.84
CA ILE D 157 -19.84 -21.32 -1.67
C ILE D 157 -19.36 -22.14 -0.44
N ALA D 158 -19.72 -21.70 0.76
CA ALA D 158 -19.26 -22.31 2.06
C ALA D 158 -19.16 -23.87 2.23
N SER D 159 -19.64 -24.66 1.26
CA SER D 159 -19.39 -26.12 1.25
C SER D 159 -18.24 -26.55 0.30
N ASP D 160 -17.69 -25.58 -0.43
CA ASP D 160 -16.67 -25.87 -1.41
C ASP D 160 -15.70 -24.72 -1.60
N TRP D 161 -14.69 -24.67 -0.73
CA TRP D 161 -13.75 -23.55 -0.69
C TRP D 161 -12.28 -23.99 -0.94
N TYR D 162 -12.10 -25.19 -1.48
CA TYR D 162 -10.78 -25.66 -1.91
C TYR D 162 -10.18 -24.75 -2.98
N VAL D 163 -8.92 -24.37 -2.79
CA VAL D 163 -8.16 -23.58 -3.77
C VAL D 163 -6.91 -24.35 -4.12
N PRO D 164 -6.67 -24.64 -5.40
CA PRO D 164 -5.44 -25.34 -5.76
C PRO D 164 -4.23 -24.52 -5.38
N GLU D 165 -3.13 -25.17 -4.98
CA GLU D 165 -1.88 -24.51 -4.56
C GLU D 165 -1.50 -23.34 -5.46
N SER D 166 -1.62 -23.54 -6.79
CA SER D 166 -1.15 -22.50 -7.71
C SER D 166 -2.07 -21.28 -7.81
N ASN D 167 -3.31 -21.36 -7.29
CA ASN D 167 -4.13 -20.13 -7.16
C ASN D 167 -4.08 -19.48 -5.76
N LEU D 168 -3.39 -20.07 -4.80
CA LEU D 168 -3.25 -19.41 -3.51
C LEU D 168 -2.40 -18.14 -3.69
N VAL D 169 -2.80 -17.04 -3.06
CA VAL D 169 -2.05 -15.80 -3.21
C VAL D 169 -0.61 -15.94 -2.70
N THR D 170 -0.43 -16.33 -1.43
CA THR D 170 0.89 -16.64 -0.89
C THR D 170 0.76 -17.86 0.02
N TYR D 171 1.90 -18.50 0.33
CA TYR D 171 1.94 -19.60 1.31
C TYR D 171 3.37 -19.97 1.72
N THR D 172 3.45 -20.78 2.76
CA THR D 172 4.69 -21.41 3.18
C THR D 172 4.54 -22.90 2.97
N LYS D 173 5.58 -23.59 2.49
CA LYS D 173 5.51 -25.01 2.21
C LYS D 173 6.35 -25.87 3.17
N ILE D 174 5.75 -26.95 3.68
CA ILE D 174 6.42 -27.93 4.56
C ILE D 174 6.38 -29.34 3.93
N HIS D 175 7.50 -30.06 4.01
CA HIS D 175 7.60 -31.40 3.46
C HIS D 175 7.58 -32.43 4.57
N PHE D 176 6.79 -33.49 4.39
CA PHE D 176 6.65 -34.57 5.36
C PHE D 176 6.36 -35.90 4.68
N LYS D 177 6.35 -36.96 5.48
CA LYS D 177 5.96 -38.25 4.99
C LYS D 177 4.78 -38.77 5.77
N PRO D 178 3.66 -39.05 5.10
CA PRO D 178 2.53 -39.61 5.82
C PRO D 178 2.64 -41.12 5.88
N THR D 179 1.79 -41.75 6.66
CA THR D 179 1.66 -43.19 6.63
C THR D 179 0.22 -43.63 6.30
N GLY D 180 -0.02 -44.93 6.27
CA GLY D 180 -1.35 -45.44 6.02
C GLY D 180 -1.29 -46.90 5.63
N SER D 181 -2.38 -47.41 5.08
CA SER D 181 -2.44 -48.79 4.65
C SER D 181 -1.28 -49.04 3.68
N GLN D 182 -0.49 -50.07 3.99
CA GLN D 182 0.66 -50.45 3.21
C GLN D 182 0.45 -50.44 1.69
N GLN D 183 -0.74 -50.87 1.28
CA GLN D 183 -1.19 -50.94 -0.11
C GLN D 183 -1.11 -49.62 -0.84
N LEU D 184 -1.35 -48.52 -0.11
CA LEU D 184 -1.42 -47.21 -0.73
C LEU D 184 -0.05 -46.78 -1.22
N GLN D 185 0.96 -47.25 -0.49
CA GLN D 185 2.36 -46.99 -0.78
C GLN D 185 2.68 -45.51 -0.80
N LEU D 186 2.26 -44.85 0.28
CA LEU D 186 2.43 -43.44 0.44
C LEU D 186 3.92 -43.12 0.55
N ALA D 187 4.36 -42.17 -0.27
CA ALA D 187 5.75 -41.83 -0.39
C ALA D 187 6.07 -40.51 0.27
N SER D 188 5.21 -39.50 0.07
CA SER D 188 5.48 -38.18 0.64
C SER D 188 4.24 -37.30 0.69
N GLY D 189 4.41 -36.09 1.23
CA GLY D 189 3.34 -35.13 1.30
C GLY D 189 3.82 -33.71 1.48
N GLU D 190 2.99 -32.76 1.06
CA GLU D 190 3.29 -31.36 1.27
C GLU D 190 2.13 -30.74 2.00
N LEU D 191 2.45 -29.83 2.90
CA LEU D 191 1.48 -28.93 3.47
C LEU D 191 1.80 -27.49 3.00
N VAL D 192 0.77 -26.76 2.59
CA VAL D 192 0.90 -25.30 2.39
C VAL D 192 0.04 -24.55 3.42
N VAL D 193 0.62 -23.51 4.01
CA VAL D 193 -0.03 -22.73 5.04
C VAL D 193 -0.24 -21.32 4.47
N ALA D 194 -1.50 -20.93 4.31
CA ALA D 194 -1.88 -19.66 3.71
C ALA D 194 -2.81 -18.86 4.64
N ALA D 195 -2.58 -17.56 4.77
CA ALA D 195 -3.57 -16.70 5.42
C ALA D 195 -4.77 -16.63 4.49
N ALA D 196 -5.98 -16.68 5.04
CA ALA D 196 -7.18 -16.66 4.25
C ALA D 196 -8.36 -15.96 4.95
N LYS D 197 -9.37 -15.58 4.15
CA LYS D 197 -10.63 -15.08 4.68
C LYS D 197 -11.79 -15.47 3.76
N SER D 198 -12.99 -15.57 4.32
CA SER D 198 -14.19 -15.90 3.55
C SER D 198 -15.06 -14.68 3.41
N PRO D 199 -15.68 -14.47 2.24
CA PRO D 199 -16.68 -13.37 2.14
C PRO D 199 -17.89 -13.54 3.11
N VAL D 200 -18.20 -14.78 3.52
CA VAL D 200 -19.28 -15.03 4.48
C VAL D 200 -18.94 -14.59 5.93
N GLN D 201 -17.68 -14.33 6.21
CA GLN D 201 -17.25 -13.90 7.54
C GLN D 201 -17.88 -12.55 7.92
N THR D 202 -18.15 -12.35 9.20
CA THR D 202 -18.62 -11.05 9.68
C THR D 202 -17.54 -10.27 10.43
N THR D 203 -16.38 -10.88 10.67
CA THR D 203 -15.28 -10.14 11.33
C THR D 203 -14.05 -9.96 10.42
N LYS D 204 -13.16 -9.07 10.85
CA LYS D 204 -11.88 -8.78 10.20
C LYS D 204 -10.84 -9.90 10.39
N TYR D 205 -11.01 -10.77 11.39
CA TYR D 205 -9.99 -11.76 11.76
C TYR D 205 -9.79 -12.84 10.73
N GLU D 206 -8.52 -13.08 10.42
CA GLU D 206 -8.11 -14.00 9.38
C GLU D 206 -8.14 -15.46 9.83
N LEU D 207 -8.18 -16.33 8.84
CA LEU D 207 -8.17 -17.75 9.08
C LEU D 207 -6.89 -18.33 8.54
N ILE D 208 -6.66 -19.61 8.85
CA ILE D 208 -5.48 -20.31 8.34
C ILE D 208 -5.93 -21.42 7.42
N TYR D 209 -5.54 -21.33 6.17
CA TYR D 209 -5.88 -22.35 5.20
C TYR D 209 -4.72 -23.34 5.10
N LEU D 210 -4.98 -24.62 5.33
CA LEU D 210 -3.98 -25.68 5.23
C LEU D 210 -4.32 -26.61 4.06
N GLY D 211 -3.54 -26.58 2.99
CA GLY D 211 -3.80 -27.44 1.84
C GLY D 211 -2.81 -28.58 1.87
N PHE D 212 -3.30 -29.80 1.65
CA PHE D 212 -2.51 -31.03 1.76
C PHE D 212 -2.40 -31.74 0.38
N THR D 213 -1.22 -32.29 0.09
CA THR D 213 -1.07 -33.17 -1.06
C THR D 213 -0.26 -34.36 -0.57
N LEU D 214 -0.85 -35.55 -0.67
CA LEU D 214 -0.12 -36.77 -0.42
C LEU D 214 0.15 -37.48 -1.74
N LYS D 215 1.35 -38.04 -1.87
CA LYS D 215 1.74 -38.73 -3.08
C LYS D 215 2.06 -40.17 -2.84
N GLN D 216 1.76 -41.01 -3.83
CA GLN D 216 2.00 -42.45 -3.73
C GLN D 216 3.05 -42.90 -4.72
N ASN D 217 3.71 -44.03 -4.46
CA ASN D 217 4.51 -44.71 -5.50
C ASN D 217 3.55 -45.23 -6.56
N SER D 218 4.06 -45.40 -7.77
CA SER D 218 3.20 -45.67 -8.91
C SER D 218 2.51 -47.02 -8.85
N SER D 219 3.01 -47.92 -8.01
CA SER D 219 2.37 -49.23 -7.80
C SER D 219 1.33 -49.22 -6.65
N GLY D 220 1.05 -48.06 -6.06
CA GLY D 220 0.06 -47.97 -4.99
C GLY D 220 -1.37 -48.14 -5.49
N THR D 221 -2.29 -48.44 -4.57
CA THR D 221 -3.67 -48.64 -4.98
C THR D 221 -4.45 -47.34 -5.00
N ASN D 222 -5.30 -47.20 -6.01
CA ASN D 222 -6.12 -46.02 -6.14
C ASN D 222 -7.10 -45.89 -4.97
N PHE D 223 -6.86 -44.90 -4.14
CA PHE D 223 -7.69 -44.59 -2.97
C PHE D 223 -9.11 -44.22 -3.42
N PHE D 224 -9.26 -43.73 -4.65
CA PHE D 224 -10.56 -43.26 -5.11
C PHE D 224 -11.31 -44.33 -5.92
N ASP D 225 -10.75 -45.53 -6.04
CA ASP D 225 -11.41 -46.60 -6.75
C ASP D 225 -12.74 -46.96 -6.04
N PRO D 226 -13.86 -47.04 -6.80
CA PRO D 226 -15.16 -47.35 -6.17
C PRO D 226 -15.17 -48.71 -5.51
N ASN D 227 -14.34 -49.64 -6.00
CA ASN D 227 -14.29 -50.96 -5.39
C ASN D 227 -13.23 -51.12 -4.32
N ALA D 228 -12.41 -50.10 -4.10
CA ALA D 228 -11.38 -50.15 -3.07
C ALA D 228 -11.98 -50.46 -1.71
N SER D 229 -11.26 -51.22 -0.89
CA SER D 229 -11.68 -51.47 0.47
C SER D 229 -11.95 -50.17 1.21
N SER D 230 -13.10 -50.05 1.85
CA SER D 230 -13.43 -48.89 2.71
C SER D 230 -12.40 -48.50 3.75
N ASP D 231 -11.56 -49.45 4.13
CA ASP D 231 -10.73 -49.32 5.33
C ASP D 231 -9.37 -48.75 5.06
N LEU D 232 -9.02 -48.63 3.78
CA LEU D 232 -7.80 -47.96 3.38
C LEU D 232 -7.78 -46.58 4.04
N SER D 233 -6.66 -46.25 4.67
CA SER D 233 -6.59 -44.98 5.36
C SER D 233 -5.24 -44.32 5.24
N PHE D 234 -5.21 -43.02 5.42
CA PHE D 234 -3.96 -42.32 5.55
C PHE D 234 -3.95 -41.65 6.92
N LEU D 235 -2.74 -41.36 7.40
CA LEU D 235 -2.57 -40.72 8.70
C LEU D 235 -1.28 -39.93 8.61
N THR D 236 -1.33 -38.63 8.88
CA THR D 236 -0.13 -37.80 8.87
C THR D 236 0.50 -37.78 10.24
N PRO D 237 1.79 -37.43 10.36
CA PRO D 237 2.27 -37.13 11.70
C PRO D 237 1.74 -35.73 12.10
N PRO D 238 2.00 -35.26 13.33
CA PRO D 238 1.71 -33.86 13.58
C PRO D 238 2.70 -32.99 12.77
N ILE D 239 2.22 -32.29 11.75
CA ILE D 239 3.11 -31.53 10.87
C ILE D 239 3.27 -30.14 11.49
N PRO D 240 4.52 -29.70 11.75
CA PRO D 240 4.73 -28.39 12.40
C PRO D 240 4.70 -27.24 11.41
N PHE D 241 4.16 -26.12 11.83
CA PHE D 241 4.23 -24.87 11.04
C PHE D 241 4.32 -23.65 11.92
N THR D 242 4.83 -22.56 11.35
CA THR D 242 5.00 -21.29 12.08
C THR D 242 4.41 -20.18 11.25
N TYR D 243 3.77 -19.22 11.91
CA TYR D 243 3.35 -18.00 11.22
C TYR D 243 3.32 -16.83 12.18
N LEU D 244 3.18 -15.63 11.64
CA LEU D 244 3.05 -14.43 12.45
C LEU D 244 1.58 -14.22 12.83
N GLY D 245 1.30 -14.00 14.13
CA GLY D 245 -0.06 -13.75 14.62
C GLY D 245 -0.29 -12.29 14.99
N TYR D 246 -1.30 -11.99 15.78
CA TYR D 246 -1.49 -10.64 16.33
C TYR D 246 -0.49 -10.32 17.44
N TYR D 247 0.00 -9.08 17.44
CA TYR D 247 0.86 -8.57 18.51
C TYR D 247 0.49 -7.14 18.90
N GLN D 248 1.13 -6.64 19.97
CA GLN D 248 1.20 -5.17 20.28
C GLN D 248 2.45 -4.45 19.75
N PRO E 38 15.31 -12.71 30.33
CA PRO E 38 13.84 -12.86 30.37
C PRO E 38 13.41 -14.14 29.65
N GLU E 39 12.18 -14.59 29.91
CA GLU E 39 11.68 -15.86 29.39
C GLU E 39 11.40 -15.82 27.90
N VAL E 40 10.65 -14.80 27.48
CA VAL E 40 10.38 -14.54 26.08
C VAL E 40 10.78 -13.10 25.77
N ALA E 41 11.59 -12.89 24.74
CA ALA E 41 11.94 -11.54 24.34
C ALA E 41 11.63 -11.39 22.87
N THR E 42 11.22 -10.18 22.47
CA THR E 42 10.91 -9.93 21.07
C THR E 42 11.76 -8.80 20.49
N TYR E 43 11.86 -8.78 19.17
CA TYR E 43 12.71 -7.86 18.47
C TYR E 43 12.04 -7.59 17.17
N HIS E 44 11.95 -6.34 16.76
CA HIS E 44 11.37 -6.04 15.47
C HIS E 44 12.03 -4.80 14.88
N CYS E 45 12.10 -4.76 13.56
CA CYS E 45 12.65 -3.63 12.83
C CYS E 45 11.94 -3.55 11.48
N GLY E 46 12.01 -2.38 10.83
CA GLY E 46 11.32 -2.14 9.58
C GLY E 46 9.94 -1.55 9.79
N ASP E 47 9.20 -1.39 8.70
CA ASP E 47 7.87 -0.81 8.69
C ASP E 47 6.81 -1.88 8.44
N ASN E 48 6.05 -2.22 9.47
CA ASN E 48 5.00 -3.22 9.31
C ASN E 48 3.90 -2.88 8.32
N LEU E 49 3.84 -1.61 7.91
CA LEU E 49 2.90 -1.21 6.86
C LEU E 49 3.51 -1.31 5.48
N LEU E 50 4.80 -1.66 5.41
CA LEU E 50 5.53 -1.85 4.13
C LEU E 50 5.38 -0.68 3.18
N GLU E 51 5.53 0.53 3.72
CA GLU E 51 5.39 1.75 2.93
C GLU E 51 6.65 2.58 2.78
N SER E 52 7.64 2.31 3.64
CA SER E 52 8.93 2.98 3.54
C SER E 52 9.96 2.11 2.83
N TYR E 53 10.30 2.51 1.61
CA TYR E 53 11.31 1.83 0.84
C TYR E 53 12.66 2.43 1.20
N ASP E 54 13.05 2.23 2.46
CA ASP E 54 14.35 2.70 2.90
C ASP E 54 15.33 1.59 3.36
N ILE E 55 15.03 0.34 3.04
CA ILE E 55 15.90 -0.78 3.41
C ILE E 55 16.75 -1.21 2.24
N PHE E 56 18.04 -1.36 2.48
CA PHE E 56 18.94 -1.77 1.40
C PHE E 56 18.92 -3.27 1.19
N ALA E 57 18.70 -3.68 -0.06
CA ALA E 57 18.90 -5.07 -0.45
C ALA E 57 20.12 -5.10 -1.33
N SER E 58 21.01 -6.05 -1.09
CA SER E 58 22.16 -6.21 -1.97
C SER E 58 21.80 -7.22 -3.04
N LEU E 59 22.27 -6.98 -4.25
CA LEU E 59 21.90 -7.81 -5.40
C LEU E 59 23.11 -8.45 -6.08
N PRO E 60 22.89 -9.38 -7.02
CA PRO E 60 24.00 -9.80 -7.85
C PRO E 60 24.50 -8.68 -8.72
N ASN E 61 25.67 -8.89 -9.30
CA ASN E 61 26.35 -8.00 -10.25
C ASN E 61 26.57 -6.65 -9.65
N THR E 62 26.88 -6.67 -8.36
CA THR E 62 27.42 -5.51 -7.63
C THR E 62 26.42 -4.35 -7.64
N ASN E 63 25.17 -4.73 -7.47
CA ASN E 63 24.03 -3.84 -7.53
C ASN E 63 23.37 -3.75 -6.18
N ALA E 64 22.38 -2.86 -6.13
CA ALA E 64 21.61 -2.65 -4.93
C ALA E 64 20.23 -2.12 -5.23
N ALA E 65 19.27 -2.40 -4.34
CA ALA E 65 17.90 -1.95 -4.53
C ALA E 65 17.31 -1.63 -3.17
N LYS E 66 16.34 -0.74 -3.16
CA LYS E 66 15.63 -0.39 -1.93
C LYS E 66 14.33 -1.18 -1.83
N VAL E 67 14.05 -1.65 -0.64
CA VAL E 67 12.86 -2.46 -0.41
C VAL E 67 12.14 -1.90 0.81
N ALA E 68 10.88 -2.29 1.00
CA ALA E 68 10.24 -2.14 2.31
C ALA E 68 10.16 -3.52 2.94
N ALA E 69 10.46 -3.59 4.24
CA ALA E 69 10.61 -4.86 4.93
C ALA E 69 10.17 -4.75 6.38
N TYR E 70 9.76 -5.88 6.95
CA TYR E 70 9.46 -5.93 8.37
C TYR E 70 9.92 -7.27 8.92
N CYS E 71 10.56 -7.23 10.07
CA CYS E 71 11.10 -8.44 10.66
C CYS E 71 10.71 -8.49 12.12
N ARG E 72 10.21 -9.64 12.54
CA ARG E 72 9.91 -9.85 13.94
C ARG E 72 10.51 -11.16 14.43
N LEU E 73 11.14 -11.12 15.60
CA LEU E 73 11.78 -12.29 16.18
C LEU E 73 11.30 -12.51 17.61
N ALA E 74 11.13 -13.77 17.98
CA ALA E 74 10.78 -14.09 19.35
C ALA E 74 11.76 -15.10 19.86
N ALA E 75 12.39 -14.82 21.01
CA ALA E 75 13.41 -15.70 21.54
C ALA E 75 12.91 -16.31 22.84
N ALA E 76 12.94 -17.63 22.93
CA ALA E 76 12.65 -18.33 24.16
C ALA E 76 13.65 -19.45 24.32
N GLY E 77 14.29 -19.53 25.48
CA GLY E 77 15.19 -20.64 25.78
C GLY E 77 16.40 -20.75 24.88
N GLY E 78 16.74 -19.66 24.18
CA GLY E 78 17.95 -19.65 23.35
C GLY E 78 17.59 -20.00 21.94
N VAL E 79 16.33 -20.34 21.71
CA VAL E 79 15.87 -20.62 20.35
C VAL E 79 15.02 -19.46 19.86
N VAL E 80 15.27 -18.99 18.64
CA VAL E 80 14.63 -17.82 18.09
C VAL E 80 13.80 -18.22 16.86
N SER E 81 12.55 -17.84 16.85
CA SER E 81 11.71 -18.01 15.69
C SER E 81 11.27 -16.64 15.28
N GLY E 82 11.03 -16.44 14.00
CA GLY E 82 10.66 -15.14 13.49
C GLY E 82 10.14 -15.20 12.07
N THR E 83 9.71 -14.04 11.56
CA THR E 83 9.35 -13.92 10.16
C THR E 83 10.01 -12.71 9.54
N ILE E 84 10.15 -12.76 8.21
CA ILE E 84 10.60 -11.61 7.42
C ILE E 84 9.60 -11.40 6.29
N GLN E 85 9.27 -10.17 6.00
CA GLN E 85 8.36 -9.87 4.91
C GLN E 85 8.97 -8.72 4.12
N VAL E 86 8.90 -8.82 2.81
CA VAL E 86 9.61 -7.90 1.94
C VAL E 86 8.77 -7.58 0.70
N THR E 87 8.85 -6.33 0.24
CA THR E 87 8.21 -5.92 -0.99
C THR E 87 9.05 -4.85 -1.67
N SER E 88 8.90 -4.75 -3.00
CA SER E 88 9.55 -3.71 -3.81
C SER E 88 8.95 -3.71 -5.18
N TYR E 89 9.30 -2.71 -5.97
CA TYR E 89 8.71 -2.58 -7.31
C TYR E 89 9.80 -2.30 -8.37
N ALA E 90 9.49 -2.56 -9.62
CA ALA E 90 10.49 -2.51 -10.69
C ALA E 90 11.26 -1.16 -10.77
N GLY E 91 10.53 -0.05 -10.55
CA GLY E 91 11.13 1.26 -10.53
C GLY E 91 12.39 1.38 -9.70
N ARG E 92 12.49 0.59 -8.61
CA ARG E 92 13.65 0.63 -7.68
C ARG E 92 14.88 -0.24 -8.11
N TRP E 93 14.75 -0.97 -9.21
CA TRP E 93 15.56 -2.16 -9.52
C TRP E 93 16.39 -2.01 -10.78
N PRO E 94 17.62 -2.55 -10.78
CA PRO E 94 18.50 -2.37 -11.94
C PRO E 94 17.98 -3.08 -13.22
N LYS E 95 18.44 -2.62 -14.37
CA LYS E 95 17.90 -3.05 -15.66
C LYS E 95 18.91 -3.88 -16.43
N VAL E 96 19.47 -4.87 -15.72
CA VAL E 96 20.44 -5.80 -16.23
C VAL E 96 19.86 -7.20 -16.02
N GLY E 97 19.85 -8.02 -17.08
CA GLY E 97 19.45 -9.41 -16.98
C GLY E 97 18.02 -9.66 -17.37
N ASN E 98 17.59 -10.91 -17.20
CA ASN E 98 16.21 -11.31 -17.41
C ASN E 98 15.72 -12.07 -16.18
N SER E 99 14.66 -11.57 -15.54
CA SER E 99 14.22 -12.15 -14.29
C SER E 99 13.60 -13.53 -14.48
N VAL E 100 13.05 -13.78 -15.66
CA VAL E 100 12.41 -15.06 -15.94
C VAL E 100 13.47 -16.19 -15.95
N THR E 101 14.63 -15.94 -16.55
CA THR E 101 15.66 -16.98 -16.59
C THR E 101 16.63 -16.90 -15.40
N ASP E 102 16.87 -15.72 -14.86
CA ASP E 102 17.79 -15.60 -13.72
C ASP E 102 17.12 -15.73 -12.35
N GLY E 103 15.81 -15.53 -12.29
CA GLY E 103 15.11 -15.34 -11.02
C GLY E 103 15.34 -13.93 -10.47
N ILE E 104 14.53 -13.54 -9.51
CA ILE E 104 14.73 -12.27 -8.83
C ILE E 104 15.49 -12.60 -7.56
N LYS E 105 16.73 -12.16 -7.47
CA LYS E 105 17.60 -12.51 -6.35
C LYS E 105 18.10 -11.31 -5.63
N PHE E 106 18.08 -11.37 -4.29
CA PHE E 106 18.56 -10.27 -3.47
C PHE E 106 18.76 -10.80 -2.07
N ALA E 107 19.40 -10.02 -1.21
CA ALA E 107 19.60 -10.41 0.18
C ALA E 107 19.47 -9.21 1.07
N ILE E 108 19.02 -9.44 2.29
CA ILE E 108 19.06 -8.40 3.28
C ILE E 108 19.67 -8.96 4.55
N VAL E 109 20.22 -8.08 5.39
CA VAL E 109 20.88 -8.50 6.63
C VAL E 109 20.10 -7.94 7.83
N VAL E 110 19.73 -8.83 8.75
CA VAL E 110 19.19 -8.40 10.02
C VAL E 110 20.38 -8.28 11.00
N SER E 111 20.48 -7.15 11.66
CA SER E 111 21.70 -6.91 12.42
C SER E 111 21.39 -6.46 13.85
N PRO E 112 21.06 -7.43 14.74
CA PRO E 112 20.73 -7.18 16.14
C PRO E 112 21.74 -6.29 16.93
N PRO E 113 23.07 -6.49 16.71
CA PRO E 113 24.00 -5.66 17.50
C PRO E 113 24.22 -4.26 16.95
N MET E 114 23.35 -3.78 16.07
CA MET E 114 23.57 -2.47 15.46
C MET E 114 23.44 -1.34 16.47
N ASP E 115 22.80 -1.60 17.62
CA ASP E 115 22.69 -0.59 18.71
C ASP E 115 24.08 -0.29 19.32
N LYS E 116 24.95 -1.30 19.38
CA LYS E 116 26.32 -1.10 19.92
C LYS E 116 27.44 -1.16 18.87
N ASP E 117 27.08 -1.39 17.60
CA ASP E 117 28.02 -1.50 16.51
C ASP E 117 27.33 -1.03 15.25
N PRO E 118 27.27 0.30 15.05
CA PRO E 118 26.45 0.90 13.97
C PRO E 118 26.91 0.48 12.59
N ARG E 119 28.18 0.11 12.48
CA ARG E 119 28.77 -0.32 11.22
C ARG E 119 28.19 -1.66 10.71
N SER E 120 27.55 -2.41 11.62
CA SER E 120 26.96 -3.69 11.24
C SER E 120 25.60 -3.53 10.57
N ASN E 121 25.09 -2.30 10.53
CA ASN E 121 23.79 -2.05 9.96
C ASN E 121 23.87 -1.93 8.46
N LEU E 122 24.15 -3.07 7.81
CA LEU E 122 24.36 -3.12 6.35
C LEU E 122 23.11 -2.83 5.54
N SER E 123 21.94 -3.18 6.05
CA SER E 123 20.70 -2.99 5.31
C SER E 123 20.05 -1.66 5.65
N GLN E 124 20.64 -0.98 6.64
CA GLN E 124 20.33 0.43 6.90
C GLN E 124 18.93 0.67 7.47
N TRP E 125 18.57 -0.17 8.46
CA TRP E 125 17.32 -0.06 9.22
C TRP E 125 17.39 1.24 10.01
N LEU E 126 16.24 1.87 10.25
CA LEU E 126 16.19 3.09 11.06
C LEU E 126 16.34 2.82 12.57
N GLY E 127 16.14 1.58 13.01
CA GLY E 127 16.22 1.25 14.44
C GLY E 127 15.50 -0.04 14.75
N ALA E 128 15.65 -0.52 15.98
CA ALA E 128 14.97 -1.73 16.43
C ALA E 128 14.36 -1.57 17.82
N THR E 129 13.16 -2.10 18.01
CA THR E 129 12.54 -2.17 19.33
C THR E 129 12.70 -3.56 19.94
N VAL E 130 13.15 -3.58 21.19
CA VAL E 130 13.27 -4.83 21.95
C VAL E 130 12.29 -4.80 23.12
N PHE E 131 11.64 -5.94 23.39
CA PHE E 131 10.77 -6.06 24.54
C PHE E 131 11.13 -7.34 25.28
N PRO E 132 11.12 -7.32 26.65
CA PRO E 132 10.97 -6.15 27.55
C PRO E 132 12.14 -5.19 27.42
N ALA E 133 11.87 -3.89 27.58
CA ALA E 133 12.92 -2.85 27.41
C ALA E 133 14.19 -3.21 28.22
N GLY E 134 15.37 -2.97 27.60
CA GLY E 134 16.64 -3.36 28.23
C GLY E 134 16.90 -4.88 28.37
N ALA E 135 16.20 -5.70 27.58
CA ALA E 135 16.68 -7.05 27.29
C ALA E 135 17.79 -6.84 26.27
N THR E 136 18.87 -7.60 26.41
CA THR E 136 20.02 -7.41 25.53
C THR E 136 19.67 -7.82 24.09
N THR E 137 20.12 -7.05 23.09
CA THR E 137 19.96 -7.44 21.69
C THR E 137 20.81 -8.69 21.39
N ALA E 138 21.78 -8.96 22.25
CA ALA E 138 22.62 -10.16 22.08
C ALA E 138 21.80 -11.43 21.86
N LEU E 139 20.69 -11.56 22.59
CA LEU E 139 19.80 -12.72 22.46
C LEU E 139 19.44 -13.08 21.00
N PHE E 140 19.41 -12.09 20.11
CA PHE E 140 18.93 -12.35 18.75
C PHE E 140 20.04 -12.61 17.73
N SER E 141 21.30 -12.53 18.17
CA SER E 141 22.42 -12.89 17.33
C SER E 141 22.57 -14.41 17.27
N PRO E 142 22.89 -14.96 16.07
CA PRO E 142 23.14 -16.41 15.97
C PRO E 142 24.14 -16.84 17.04
N ASN E 143 23.88 -17.96 17.67
CA ASN E 143 24.75 -18.47 18.73
C ASN E 143 26.23 -18.46 18.36
N PRO E 144 27.11 -17.98 19.28
CA PRO E 144 28.56 -17.90 18.95
C PRO E 144 29.27 -19.24 18.83
N TYR E 145 28.88 -20.25 19.63
CA TYR E 145 29.52 -21.58 19.55
C TYR E 145 29.11 -22.35 18.30
N GLY E 146 27.81 -22.31 17.98
CA GLY E 146 27.29 -22.81 16.72
C GLY E 146 27.85 -22.09 15.50
N SER E 147 28.21 -20.82 15.63
CA SER E 147 28.68 -20.00 14.50
C SER E 147 30.13 -20.26 14.08
N LEU E 148 30.97 -20.73 15.02
CA LEU E 148 32.38 -21.00 14.73
C LEU E 148 32.45 -21.92 13.51
N ASN E 149 33.17 -21.47 12.49
CA ASN E 149 33.41 -22.23 11.24
C ASN E 149 32.20 -22.51 10.35
N THR E 150 31.00 -22.09 10.76
CA THR E 150 29.81 -22.22 9.91
C THR E 150 29.39 -20.85 9.36
N ILE E 151 30.01 -19.81 9.89
CA ILE E 151 29.68 -18.43 9.57
C ILE E 151 30.20 -17.98 8.18
N THR E 152 29.45 -17.11 7.51
CA THR E 152 29.88 -16.58 6.22
C THR E 152 30.46 -15.19 6.42
N THR E 153 31.61 -14.92 5.81
CA THR E 153 32.26 -13.63 5.93
C THR E 153 31.88 -12.86 4.67
N LEU E 154 31.27 -11.70 4.87
CA LEU E 154 30.68 -10.96 3.76
C LEU E 154 31.75 -10.11 3.08
N PRO E 155 31.63 -9.84 1.78
CA PRO E 155 32.48 -8.83 1.16
C PRO E 155 32.48 -7.50 1.90
N SER E 156 33.57 -6.76 1.85
CA SER E 156 33.75 -5.64 2.74
C SER E 156 33.16 -4.32 2.22
N ILE E 157 33.02 -4.20 0.91
CA ILE E 157 32.65 -2.90 0.33
C ILE E 157 31.15 -2.70 0.40
N ALA E 158 30.72 -2.41 1.62
CA ALA E 158 29.29 -2.36 2.00
C ALA E 158 28.47 -1.64 0.92
N SER E 159 27.26 -2.17 0.72
CA SER E 159 26.43 -2.06 -0.49
C SER E 159 26.57 -3.30 -1.40
N ASP E 160 27.79 -3.84 -1.52
CA ASP E 160 28.05 -5.02 -2.40
C ASP E 160 28.20 -6.41 -1.70
N TRP E 161 27.51 -6.62 -0.60
CA TRP E 161 27.74 -7.83 0.21
C TRP E 161 26.89 -9.06 -0.13
N TYR E 162 26.21 -9.03 -1.27
CA TYR E 162 25.48 -10.19 -1.76
C TYR E 162 26.39 -11.39 -1.97
N VAL E 163 26.00 -12.55 -1.41
CA VAL E 163 26.72 -13.81 -1.64
C VAL E 163 25.78 -14.82 -2.31
N PRO E 164 26.18 -15.40 -3.46
CA PRO E 164 25.26 -16.38 -4.07
C PRO E 164 25.06 -17.60 -3.12
N GLU E 165 23.90 -18.23 -3.18
CA GLU E 165 23.60 -19.38 -2.33
C GLU E 165 24.70 -20.42 -2.26
N SER E 166 25.23 -20.79 -3.42
CA SER E 166 26.26 -21.82 -3.47
C SER E 166 27.57 -21.37 -2.85
N ASN E 167 27.74 -20.06 -2.64
CA ASN E 167 28.91 -19.59 -1.94
C ASN E 167 28.76 -19.37 -0.43
N LEU E 168 27.56 -19.49 0.11
CA LEU E 168 27.40 -19.36 1.55
C LEU E 168 28.00 -20.58 2.25
N VAL E 169 28.68 -20.35 3.37
CA VAL E 169 29.29 -21.45 4.12
C VAL E 169 28.24 -22.48 4.60
N THR E 170 27.23 -22.04 5.34
CA THR E 170 26.13 -22.93 5.73
C THR E 170 24.83 -22.15 5.67
N TYR E 171 23.69 -22.85 5.61
CA TYR E 171 22.39 -22.18 5.68
C TYR E 171 21.28 -23.17 5.92
N THR E 172 20.09 -22.66 6.22
CA THR E 172 18.84 -23.42 6.26
C THR E 172 17.92 -22.88 5.14
N LYS E 173 17.16 -23.75 4.49
CA LYS E 173 16.33 -23.34 3.36
C LYS E 173 14.81 -23.46 3.62
N ILE E 174 14.07 -22.40 3.30
CA ILE E 174 12.62 -22.41 3.46
C ILE E 174 11.96 -22.17 2.08
N HIS E 175 10.93 -22.95 1.77
CA HIS E 175 10.18 -22.74 0.52
C HIS E 175 8.87 -21.99 0.76
N PHE E 176 8.53 -21.08 -0.14
CA PHE E 176 7.32 -20.28 -0.04
C PHE E 176 6.83 -19.85 -1.39
N LYS E 177 5.66 -19.25 -1.43
CA LYS E 177 5.16 -18.66 -2.65
C LYS E 177 4.91 -17.15 -2.44
N PRO E 178 5.57 -16.30 -3.26
CA PRO E 178 5.33 -14.90 -3.13
C PRO E 178 4.18 -14.53 -4.06
N THR E 179 3.71 -13.29 -3.92
CA THR E 179 2.71 -12.75 -4.84
C THR E 179 3.25 -11.47 -5.48
N GLY E 180 2.46 -10.91 -6.38
CA GLY E 180 2.85 -9.65 -7.04
C GLY E 180 1.93 -9.31 -8.19
N SER E 181 2.39 -8.43 -9.08
CA SER E 181 1.65 -8.09 -10.27
C SER E 181 1.37 -9.34 -11.09
N GLN E 182 0.12 -9.46 -11.52
CA GLN E 182 -0.40 -10.62 -12.25
C GLN E 182 0.58 -11.13 -13.32
N GLN E 183 1.15 -10.20 -14.07
CA GLN E 183 1.86 -10.58 -15.28
C GLN E 183 3.32 -10.93 -15.06
N LEU E 184 3.77 -10.83 -13.81
CA LEU E 184 5.03 -11.41 -13.40
C LEU E 184 4.95 -12.93 -13.32
N GLN E 185 3.78 -13.48 -13.00
CA GLN E 185 3.55 -14.93 -12.96
C GLN E 185 4.51 -15.58 -11.97
N LEU E 186 4.58 -14.99 -10.78
CA LEU E 186 5.43 -15.51 -9.74
C LEU E 186 4.92 -16.88 -9.31
N ALA E 187 5.81 -17.87 -9.27
CA ALA E 187 5.47 -19.26 -9.05
C ALA E 187 5.93 -19.73 -7.68
N SER E 188 7.12 -19.35 -7.25
CA SER E 188 7.63 -19.80 -5.96
C SER E 188 8.82 -18.99 -5.57
N GLY E 189 9.36 -19.28 -4.38
CA GLY E 189 10.54 -18.62 -3.84
C GLY E 189 11.22 -19.40 -2.72
N GLU E 190 12.51 -19.09 -2.50
CA GLU E 190 13.28 -19.71 -1.45
C GLU E 190 13.90 -18.62 -0.63
N LEU E 191 14.02 -18.89 0.66
CA LEU E 191 14.75 -18.06 1.57
C LEU E 191 15.86 -18.94 2.12
N VAL E 192 17.07 -18.41 2.20
CA VAL E 192 18.12 -19.09 2.95
C VAL E 192 18.56 -18.22 4.12
N VAL E 193 18.72 -18.83 5.27
CA VAL E 193 19.06 -18.15 6.50
C VAL E 193 20.48 -18.60 6.89
N ALA E 194 21.41 -17.63 6.93
CA ALA E 194 22.83 -17.93 7.21
C ALA E 194 23.37 -17.01 8.29
N ALA E 195 24.18 -17.55 9.20
CA ALA E 195 24.91 -16.71 10.14
C ALA E 195 26.00 -16.04 9.36
N ALA E 196 26.19 -14.74 9.58
CA ALA E 196 27.18 -13.97 8.84
C ALA E 196 27.91 -12.96 9.70
N LYS E 197 29.07 -12.53 9.21
CA LYS E 197 29.75 -11.38 9.78
C LYS E 197 30.37 -10.55 8.68
N SER E 198 30.61 -9.27 8.98
CA SER E 198 31.30 -8.36 8.09
C SER E 198 32.65 -7.92 8.67
N PRO E 199 33.66 -7.79 7.82
CA PRO E 199 34.96 -7.33 8.33
C PRO E 199 34.93 -5.88 8.87
N VAL E 200 33.94 -5.09 8.47
CA VAL E 200 33.79 -3.72 8.95
C VAL E 200 33.19 -3.63 10.36
N GLN E 201 32.61 -4.71 10.86
CA GLN E 201 32.08 -4.75 12.23
C GLN E 201 33.16 -4.48 13.26
N THR E 202 32.79 -3.86 14.38
CA THR E 202 33.70 -3.69 15.50
C THR E 202 33.35 -4.64 16.67
N THR E 203 32.24 -5.37 16.60
CA THR E 203 31.93 -6.31 17.69
C THR E 203 31.95 -7.73 17.22
N LYS E 204 31.90 -8.63 18.18
CA LYS E 204 31.98 -10.05 17.92
C LYS E 204 30.62 -10.60 17.52
N TYR E 205 29.54 -9.85 17.74
CA TYR E 205 28.16 -10.36 17.51
C TYR E 205 27.81 -10.62 16.05
N GLU E 206 27.18 -11.75 15.81
CA GLU E 206 26.89 -12.19 14.46
C GLU E 206 25.65 -11.52 13.92
N LEU E 207 25.53 -11.55 12.60
CA LEU E 207 24.37 -11.06 11.91
C LEU E 207 23.60 -12.24 11.28
N ILE E 208 22.40 -11.93 10.78
CA ILE E 208 21.61 -12.90 10.06
C ILE E 208 21.52 -12.49 8.60
N TYR E 209 22.06 -13.31 7.71
CA TYR E 209 21.94 -13.04 6.27
C TYR E 209 20.73 -13.79 5.72
N LEU E 210 19.84 -13.07 5.04
CA LEU E 210 18.67 -13.68 4.43
C LEU E 210 18.75 -13.52 2.92
N GLY E 211 19.01 -14.63 2.21
CA GLY E 211 19.08 -14.57 0.74
C GLY E 211 17.77 -15.01 0.15
N PHE E 212 17.25 -14.25 -0.82
CA PHE E 212 15.95 -14.56 -1.45
C PHE E 212 16.11 -14.91 -2.92
N THR E 213 15.28 -15.85 -3.39
CA THR E 213 15.15 -16.15 -4.80
C THR E 213 13.69 -16.35 -5.08
N LEU E 214 13.17 -15.55 -6.00
CA LEU E 214 11.80 -15.69 -6.47
C LEU E 214 11.85 -16.15 -7.91
N LYS E 215 10.96 -17.07 -8.27
CA LYS E 215 10.94 -17.65 -9.60
C LYS E 215 9.62 -17.41 -10.30
N GLN E 216 9.69 -17.25 -11.62
CA GLN E 216 8.50 -16.95 -12.44
C GLN E 216 8.17 -18.10 -13.39
N ASN E 217 6.90 -18.25 -13.77
CA ASN E 217 6.58 -19.14 -14.90
C ASN E 217 7.20 -18.54 -16.16
N SER E 218 7.51 -19.38 -17.13
CA SER E 218 8.26 -18.90 -18.29
C SER E 218 7.53 -17.83 -19.14
N SER E 219 6.22 -17.72 -18.99
CA SER E 219 5.48 -16.69 -19.70
C SER E 219 5.42 -15.32 -18.97
N GLY E 220 6.03 -15.21 -17.78
CA GLY E 220 5.98 -13.96 -17.01
C GLY E 220 6.79 -12.88 -17.69
N THR E 221 6.57 -11.61 -17.34
CA THR E 221 7.37 -10.58 -17.97
C THR E 221 8.68 -10.37 -17.19
N ASN E 222 9.65 -9.81 -17.89
CA ASN E 222 10.91 -9.56 -17.30
C ASN E 222 10.90 -8.31 -16.39
N PHE E 223 11.00 -8.56 -15.09
CA PHE E 223 11.01 -7.52 -14.05
C PHE E 223 12.13 -6.54 -14.29
N PHE E 224 13.16 -6.96 -15.03
CA PHE E 224 14.37 -6.14 -15.20
C PHE E 224 14.40 -5.43 -16.55
N ASP E 225 13.36 -5.63 -17.35
CA ASP E 225 13.24 -4.92 -18.62
C ASP E 225 13.21 -3.39 -18.37
N PRO E 226 14.05 -2.63 -19.11
CA PRO E 226 14.09 -1.17 -18.93
C PRO E 226 12.75 -0.49 -19.23
N ASN E 227 11.94 -1.08 -20.10
CA ASN E 227 10.62 -0.53 -20.36
C ASN E 227 9.46 -1.35 -19.85
N ALA E 228 9.72 -2.03 -18.75
CA ALA E 228 8.69 -2.59 -17.93
C ALA E 228 8.08 -1.47 -17.08
N SER E 229 6.77 -1.55 -16.88
CA SER E 229 6.05 -0.66 -16.00
C SER E 229 6.76 -0.54 -14.64
N SER E 230 7.04 0.68 -14.18
CA SER E 230 7.60 0.93 -12.85
C SER E 230 6.88 0.26 -11.69
N ASP E 231 5.60 -0.04 -11.89
CA ASP E 231 4.70 -0.37 -10.79
C ASP E 231 4.64 -1.86 -10.53
N LEU E 232 5.18 -2.66 -11.43
CA LEU E 232 5.34 -4.09 -11.20
C LEU E 232 6.00 -4.32 -9.84
N SER E 233 5.39 -5.19 -9.03
CA SER E 233 5.90 -5.38 -7.70
C SER E 233 5.81 -6.82 -7.27
N PHE E 234 6.62 -7.18 -6.28
CA PHE E 234 6.49 -8.44 -5.63
C PHE E 234 6.28 -8.19 -4.14
N LEU E 235 5.64 -9.13 -3.48
CA LEU E 235 5.35 -9.06 -2.04
C LEU E 235 5.35 -10.47 -1.51
N THR E 236 6.20 -10.74 -0.52
CA THR E 236 6.25 -12.07 0.08
C THR E 236 5.28 -12.12 1.26
N PRO E 237 4.88 -13.32 1.69
CA PRO E 237 4.15 -13.37 2.95
C PRO E 237 5.20 -13.19 4.06
N PRO E 238 4.79 -13.16 5.34
CA PRO E 238 5.84 -13.23 6.37
C PRO E 238 6.37 -14.64 6.34
N ILE E 239 7.65 -14.81 6.01
CA ILE E 239 8.28 -16.14 5.88
C ILE E 239 8.92 -16.52 7.22
N PRO E 240 8.49 -17.65 7.81
CA PRO E 240 9.01 -18.05 9.14
C PRO E 240 10.35 -18.73 9.09
N PHE E 241 11.20 -18.42 10.06
CA PHE E 241 12.45 -19.14 10.19
C PHE E 241 12.83 -19.31 11.68
N THR E 242 13.69 -20.30 11.98
CA THR E 242 14.15 -20.57 13.35
C THR E 242 15.65 -20.69 13.36
N TYR E 243 16.30 -20.17 14.37
CA TYR E 243 17.74 -20.42 14.50
C TYR E 243 18.09 -20.42 15.97
N LEU E 244 19.33 -20.80 16.29
CA LEU E 244 19.84 -20.78 17.65
C LEU E 244 20.50 -19.44 17.95
N GLY E 245 20.06 -18.77 19.02
CA GLY E 245 20.66 -17.49 19.46
C GLY E 245 21.58 -17.66 20.68
N TYR E 246 21.90 -16.57 21.37
CA TYR E 246 22.68 -16.63 22.61
C TYR E 246 21.87 -17.19 23.75
N TYR E 247 22.53 -17.99 24.59
CA TYR E 247 21.93 -18.53 25.80
C TYR E 247 22.92 -18.52 26.98
N GLN E 248 22.43 -18.83 28.18
CA GLN E 248 23.29 -19.24 29.33
C GLN E 248 23.52 -20.78 29.48
N PRO F 38 5.87 -25.75 33.72
CA PRO F 38 6.42 -24.40 33.51
C PRO F 38 6.11 -23.85 32.11
N GLU F 39 6.23 -22.54 31.93
CA GLU F 39 5.82 -21.88 30.69
C GLU F 39 6.76 -22.22 29.54
N VAL F 40 8.04 -22.05 29.79
CA VAL F 40 9.09 -22.37 28.83
C VAL F 40 10.09 -23.29 29.54
N ALA F 41 10.37 -24.44 28.93
CA ALA F 41 11.40 -25.32 29.49
C ALA F 41 12.46 -25.57 28.42
N THR F 42 13.70 -25.76 28.83
CA THR F 42 14.76 -26.04 27.86
C THR F 42 15.47 -27.34 28.23
N TYR F 43 16.08 -27.96 27.23
CA TYR F 43 16.75 -29.22 27.39
C TYR F 43 17.95 -29.14 26.48
N HIS F 44 19.10 -29.59 26.97
CA HIS F 44 20.25 -29.68 26.10
C HIS F 44 21.13 -30.86 26.45
N CYS F 45 21.68 -31.51 25.42
CA CYS F 45 22.70 -32.54 25.62
C CYS F 45 23.82 -32.41 24.60
N GLY F 46 24.95 -33.05 24.85
CA GLY F 46 26.09 -32.94 23.96
C GLY F 46 27.06 -31.84 24.35
N ASP F 47 28.07 -31.63 23.51
CA ASP F 47 29.14 -30.68 23.79
C ASP F 47 29.01 -29.49 22.85
N ASN F 48 28.64 -28.34 23.38
CA ASN F 48 28.46 -27.16 22.50
C ASN F 48 29.75 -26.65 21.83
N LEU F 49 30.91 -27.11 22.30
CA LEU F 49 32.19 -26.79 21.66
C LEU F 49 32.56 -27.82 20.59
N LEU F 50 31.72 -28.84 20.44
CA LEU F 50 31.90 -29.86 19.41
C LEU F 50 33.31 -30.46 19.38
N GLU F 51 33.84 -30.79 20.55
CA GLU F 51 35.18 -31.32 20.67
C GLU F 51 35.23 -32.74 21.23
N SER F 52 34.12 -33.24 21.76
CA SER F 52 34.06 -34.60 22.29
C SER F 52 33.37 -35.51 21.31
N TYR F 53 34.13 -36.37 20.65
CA TYR F 53 33.54 -37.28 19.69
C TYR F 53 33.13 -38.52 20.39
N ASP F 54 32.18 -38.40 21.30
CA ASP F 54 31.73 -39.56 22.06
C ASP F 54 30.29 -39.97 21.79
N ILE F 55 29.67 -39.36 20.78
CA ILE F 55 28.27 -39.65 20.42
C ILE F 55 28.21 -40.68 19.32
N PHE F 56 27.48 -41.74 19.56
CA PHE F 56 27.38 -42.84 18.63
C PHE F 56 26.36 -42.54 17.53
N ALA F 57 26.77 -42.58 16.27
CA ALA F 57 25.85 -42.47 15.14
C ALA F 57 25.69 -43.83 14.47
N SER F 58 24.49 -44.17 14.07
CA SER F 58 24.27 -45.42 13.37
C SER F 58 24.16 -45.25 11.83
N LEU F 59 24.62 -46.24 11.09
CA LEU F 59 24.83 -46.10 9.65
C LEU F 59 24.17 -47.19 8.83
N PRO F 60 24.00 -46.97 7.52
CA PRO F 60 23.49 -48.10 6.74
C PRO F 60 24.50 -49.26 6.73
N ASN F 61 24.02 -50.44 6.36
CA ASN F 61 24.86 -51.65 6.24
C ASN F 61 25.53 -52.03 7.56
N THR F 62 24.81 -51.93 8.67
CA THR F 62 25.39 -52.32 9.97
C THR F 62 26.69 -51.61 10.29
N ASN F 63 26.75 -50.30 10.17
CA ASN F 63 27.99 -49.64 10.52
C ASN F 63 27.70 -48.57 11.55
N ALA F 64 28.74 -48.09 12.22
CA ALA F 64 28.58 -47.06 13.24
C ALA F 64 29.70 -46.04 13.10
N ALA F 65 29.48 -44.83 13.62
CA ALA F 65 30.55 -43.83 13.66
C ALA F 65 30.40 -42.98 14.90
N LYS F 66 31.48 -42.35 15.36
CA LYS F 66 31.40 -41.44 16.51
C LYS F 66 31.36 -40.02 15.96
N VAL F 67 30.61 -39.14 16.62
CA VAL F 67 30.51 -37.75 16.16
C VAL F 67 30.57 -36.89 17.38
N ALA F 68 30.78 -35.60 17.18
CA ALA F 68 30.47 -34.62 18.24
C ALA F 68 29.15 -33.90 17.88
N ALA F 69 28.27 -33.73 18.87
CA ALA F 69 26.96 -33.18 18.59
C ALA F 69 26.46 -32.33 19.75
N TYR F 70 25.57 -31.39 19.43
CA TYR F 70 24.92 -30.57 20.44
C TYR F 70 23.47 -30.35 20.06
N CYS F 71 22.58 -30.59 21.01
CA CYS F 71 21.16 -30.47 20.77
C CYS F 71 20.56 -29.52 21.81
N ARG F 72 19.79 -28.54 21.38
CA ARG F 72 19.01 -27.71 22.30
C ARG F 72 17.54 -27.64 21.90
N LEU F 73 16.67 -27.84 22.89
CA LEU F 73 15.21 -27.85 22.69
C LEU F 73 14.57 -26.83 23.63
N ALA F 74 13.57 -26.11 23.13
CA ALA F 74 12.76 -25.26 24.00
C ALA F 74 11.31 -25.62 23.79
N ALA F 75 10.60 -25.82 24.89
CA ALA F 75 9.21 -26.27 24.85
C ALA F 75 8.33 -25.20 25.46
N ALA F 76 7.32 -24.80 24.71
CA ALA F 76 6.32 -23.88 25.21
C ALA F 76 4.98 -24.33 24.69
N GLY F 77 4.02 -24.50 25.59
CA GLY F 77 2.66 -24.83 25.20
C GLY F 77 2.52 -26.20 24.55
N GLY F 78 3.50 -27.08 24.80
CA GLY F 78 3.42 -28.40 24.22
C GLY F 78 4.10 -28.50 22.87
N VAL F 79 4.59 -27.37 22.37
CA VAL F 79 5.24 -27.36 21.09
C VAL F 79 6.72 -27.14 21.37
N VAL F 80 7.56 -27.96 20.74
CA VAL F 80 9.00 -27.94 20.98
C VAL F 80 9.72 -27.52 19.70
N SER F 81 10.59 -26.53 19.84
CA SER F 81 11.48 -26.10 18.77
C SER F 81 12.90 -26.27 19.23
N GLY F 82 13.77 -26.65 18.30
CA GLY F 82 15.14 -26.93 18.70
C GLY F 82 16.13 -26.96 17.58
N THR F 83 17.40 -27.16 17.90
CA THR F 83 18.39 -27.35 16.86
C THR F 83 19.29 -28.54 17.17
N ILE F 84 19.85 -29.13 16.12
CA ILE F 84 20.86 -30.15 16.26
C ILE F 84 22.08 -29.72 15.44
N GLN F 85 23.26 -29.91 16.01
CA GLN F 85 24.48 -29.60 15.27
C GLN F 85 25.44 -30.76 15.45
N VAL F 86 26.03 -31.21 14.33
CA VAL F 86 26.87 -32.39 14.31
C VAL F 86 28.14 -32.12 13.53
N THR F 87 29.23 -32.77 13.93
CA THR F 87 30.50 -32.74 13.18
C THR F 87 31.24 -34.05 13.38
N SER F 88 32.01 -34.47 12.38
CA SER F 88 32.87 -35.65 12.52
C SER F 88 33.92 -35.63 11.43
N TYR F 89 34.90 -36.53 11.49
CA TYR F 89 35.98 -36.55 10.51
C TYR F 89 36.26 -37.97 10.01
N ALA F 90 36.91 -38.08 8.85
CA ALA F 90 37.04 -39.35 8.13
C ALA F 90 37.62 -40.43 9.04
N GLY F 91 38.44 -40.01 10.00
CA GLY F 91 39.02 -40.90 10.99
C GLY F 91 38.05 -41.61 11.94
N ARG F 92 36.83 -41.09 12.09
CA ARG F 92 35.84 -41.73 12.96
C ARG F 92 34.74 -42.42 12.16
N TRP F 93 35.04 -42.70 10.91
CA TRP F 93 34.08 -43.21 9.97
C TRP F 93 34.61 -44.48 9.37
N PRO F 94 33.73 -45.48 9.19
CA PRO F 94 34.04 -46.71 8.48
C PRO F 94 34.36 -46.43 7.02
N LYS F 95 35.07 -47.35 6.38
CA LYS F 95 35.59 -47.12 5.03
C LYS F 95 34.96 -48.04 3.99
N VAL F 96 33.63 -47.98 3.81
CA VAL F 96 32.99 -48.74 2.73
C VAL F 96 32.17 -47.82 1.81
N GLY F 97 32.09 -48.15 0.52
CA GLY F 97 31.25 -47.38 -0.39
C GLY F 97 31.90 -46.11 -0.90
N ASN F 98 31.10 -45.30 -1.57
CA ASN F 98 31.56 -44.04 -2.11
C ASN F 98 30.57 -42.97 -1.67
N SER F 99 31.07 -41.96 -0.96
CA SER F 99 30.20 -40.91 -0.44
C SER F 99 29.63 -40.02 -1.54
N VAL F 100 30.36 -39.87 -2.65
CA VAL F 100 29.90 -39.05 -3.75
C VAL F 100 28.64 -39.64 -4.36
N THR F 101 28.58 -40.96 -4.54
CA THR F 101 27.38 -41.55 -5.12
C THR F 101 26.34 -41.98 -4.09
N ASP F 102 26.76 -42.36 -2.89
CA ASP F 102 25.79 -42.81 -1.87
C ASP F 102 25.29 -41.69 -0.94
N GLY F 103 26.02 -40.57 -0.88
CA GLY F 103 25.82 -39.57 0.14
C GLY F 103 26.47 -39.99 1.44
N ILE F 104 26.60 -39.04 2.36
CA ILE F 104 27.01 -39.37 3.70
C ILE F 104 25.76 -39.47 4.56
N LYS F 105 25.43 -40.68 5.00
CA LYS F 105 24.19 -40.94 5.73
C LYS F 105 24.46 -41.50 7.09
N PHE F 106 23.72 -40.99 8.06
CA PHE F 106 23.84 -41.47 9.45
C PHE F 106 22.62 -41.04 10.22
N ALA F 107 22.46 -41.56 11.42
CA ALA F 107 21.35 -41.14 12.25
C ALA F 107 21.76 -41.05 13.71
N ILE F 108 21.21 -40.08 14.43
CA ILE F 108 21.41 -40.08 15.88
C ILE F 108 20.06 -40.01 16.55
N VAL F 109 20.01 -40.46 17.79
CA VAL F 109 18.76 -40.45 18.55
C VAL F 109 18.84 -39.49 19.74
N VAL F 110 17.91 -38.57 19.84
CA VAL F 110 17.78 -37.75 21.04
C VAL F 110 16.81 -38.49 21.97
N SER F 111 17.21 -38.71 23.22
CA SER F 111 16.40 -39.56 24.09
C SER F 111 16.11 -38.92 25.45
N PRO F 112 15.12 -38.02 25.48
CA PRO F 112 14.77 -37.28 26.71
C PRO F 112 14.52 -38.19 27.94
N PRO F 113 13.87 -39.36 27.79
CA PRO F 113 13.59 -40.12 29.01
C PRO F 113 14.76 -40.99 29.48
N MET F 114 15.98 -40.68 29.05
CA MET F 114 17.15 -41.52 29.45
C MET F 114 17.50 -41.42 30.93
N ASP F 115 16.99 -40.37 31.59
CA ASP F 115 17.18 -40.19 33.03
C ASP F 115 16.41 -41.28 33.80
N LYS F 116 15.25 -41.70 33.30
CA LYS F 116 14.49 -42.75 33.97
C LYS F 116 14.48 -44.10 33.25
N ASP F 117 15.16 -44.16 32.11
CA ASP F 117 15.19 -45.34 31.26
C ASP F 117 16.51 -45.36 30.50
N PRO F 118 17.58 -45.80 31.19
CA PRO F 118 18.96 -45.64 30.67
C PRO F 118 19.17 -46.41 29.35
N ARG F 119 18.38 -47.46 29.15
CA ARG F 119 18.47 -48.30 27.95
C ARG F 119 18.02 -47.59 26.67
N SER F 120 17.33 -46.47 26.83
CA SER F 120 16.87 -45.67 25.71
C SER F 120 17.95 -44.76 25.17
N ASN F 121 19.09 -44.66 25.87
CA ASN F 121 20.20 -43.79 25.45
C ASN F 121 21.05 -44.46 24.35
N LEU F 122 20.48 -44.57 23.15
CA LEU F 122 21.08 -45.27 22.05
C LEU F 122 22.30 -44.56 21.48
N SER F 123 22.30 -43.23 21.50
CA SER F 123 23.42 -42.47 20.97
C SER F 123 24.47 -42.22 22.04
N GLN F 124 24.19 -42.67 23.26
CA GLN F 124 25.19 -42.72 24.34
C GLN F 124 25.66 -41.34 24.73
N TRP F 125 24.71 -40.41 24.85
CA TRP F 125 24.97 -39.09 25.40
C TRP F 125 25.49 -39.25 26.82
N LEU F 126 26.37 -38.34 27.23
CA LEU F 126 26.95 -38.36 28.56
C LEU F 126 25.88 -38.03 29.56
N GLY F 127 25.02 -37.09 29.21
CA GLY F 127 23.92 -36.70 30.07
C GLY F 127 23.23 -35.49 29.50
N ALA F 128 22.19 -35.04 30.21
CA ALA F 128 21.43 -33.88 29.76
C ALA F 128 21.19 -32.87 30.88
N THR F 129 20.77 -31.67 30.49
CA THR F 129 20.45 -30.64 31.45
C THR F 129 19.09 -30.03 31.10
N VAL F 130 18.19 -29.95 32.09
CA VAL F 130 16.84 -29.39 31.96
C VAL F 130 16.73 -28.12 32.81
N PHE F 131 16.09 -27.08 32.27
CA PHE F 131 15.81 -25.85 33.02
C PHE F 131 14.34 -25.47 32.81
N PRO F 132 13.64 -25.01 33.87
CA PRO F 132 14.08 -24.91 35.28
C PRO F 132 14.28 -26.31 35.83
N ALA F 133 15.25 -26.45 36.74
CA ALA F 133 15.56 -27.76 37.38
C ALA F 133 14.29 -28.45 37.91
N GLY F 134 14.18 -29.76 37.66
CA GLY F 134 13.01 -30.53 38.09
C GLY F 134 11.75 -30.26 37.27
N ALA F 135 11.91 -29.69 36.07
CA ALA F 135 10.89 -29.81 35.03
C ALA F 135 11.05 -31.24 34.52
N THR F 136 9.94 -31.91 34.30
CA THR F 136 10.01 -33.28 33.83
C THR F 136 10.62 -33.35 32.39
N THR F 137 11.46 -34.36 32.13
CA THR F 137 11.98 -34.59 30.77
C THR F 137 10.86 -35.05 29.82
N ALA F 138 9.76 -35.49 30.40
CA ALA F 138 8.61 -35.92 29.58
C ALA F 138 8.19 -34.87 28.53
N LEU F 139 8.33 -33.59 28.89
CA LEU F 139 7.93 -32.49 28.04
C LEU F 139 8.58 -32.57 26.66
N PHE F 140 9.78 -33.18 26.60
CA PHE F 140 10.53 -33.19 25.35
C PHE F 140 10.33 -34.43 24.49
N SER F 141 9.54 -35.38 24.98
CA SER F 141 9.23 -36.58 24.18
C SER F 141 8.14 -36.24 23.19
N PRO F 142 8.22 -36.81 21.97
CA PRO F 142 7.12 -36.65 21.02
C PRO F 142 5.79 -37.01 21.68
N ASN F 143 4.76 -36.25 21.36
CA ASN F 143 3.43 -36.42 21.94
C ASN F 143 2.92 -37.87 21.82
N PRO F 144 2.40 -38.45 22.92
CA PRO F 144 1.98 -39.86 22.86
C PRO F 144 0.75 -40.13 22.01
N TYR F 145 -0.21 -39.21 21.98
CA TYR F 145 -1.41 -39.36 21.11
C TYR F 145 -1.09 -39.17 19.62
N GLY F 146 -0.21 -38.22 19.31
CA GLY F 146 0.31 -38.00 17.96
C GLY F 146 1.18 -39.14 17.48
N SER F 147 1.89 -39.77 18.41
CA SER F 147 2.81 -40.85 18.08
C SER F 147 2.12 -42.16 17.71
N LEU F 148 0.86 -42.31 18.14
CA LEU F 148 0.17 -43.56 18.00
C LEU F 148 0.03 -43.92 16.51
N ASN F 149 0.56 -45.08 16.09
CA ASN F 149 0.58 -45.44 14.64
C ASN F 149 1.47 -44.60 13.68
N THR F 150 2.16 -43.59 14.18
CA THR F 150 3.06 -42.81 13.34
C THR F 150 4.52 -43.01 13.72
N ILE F 151 4.70 -43.65 14.88
CA ILE F 151 6.01 -43.94 15.43
C ILE F 151 6.80 -45.05 14.66
N THR F 152 8.12 -44.91 14.60
CA THR F 152 8.98 -45.93 14.02
C THR F 152 9.56 -46.79 15.14
N THR F 153 9.47 -48.11 14.99
CA THR F 153 10.09 -49.05 15.93
C THR F 153 11.46 -49.43 15.39
N LEU F 154 12.48 -49.10 16.16
CA LEU F 154 13.84 -49.25 15.70
C LEU F 154 14.24 -50.70 15.80
N PRO F 155 15.19 -51.14 14.96
CA PRO F 155 15.77 -52.50 15.15
C PRO F 155 16.26 -52.75 16.56
N SER F 156 16.15 -54.02 16.93
CA SER F 156 16.51 -54.53 18.23
C SER F 156 18.01 -54.73 18.38
N ILE F 157 18.63 -55.20 17.30
CA ILE F 157 20.06 -55.41 17.21
C ILE F 157 20.83 -54.28 17.89
N ALA F 158 21.56 -54.63 18.96
CA ALA F 158 22.38 -53.66 19.73
C ALA F 158 23.26 -52.84 18.82
N SER F 159 23.18 -51.52 18.95
CA SER F 159 24.04 -50.55 18.26
C SER F 159 23.99 -50.61 16.71
N ASP F 160 22.90 -51.19 16.19
CA ASP F 160 22.65 -51.11 14.78
C ASP F 160 21.19 -50.76 14.48
N TRP F 161 20.80 -49.49 14.71
CA TRP F 161 19.40 -49.08 14.64
C TRP F 161 19.07 -48.06 13.52
N TYR F 162 19.96 -47.93 12.55
CA TYR F 162 19.72 -47.04 11.43
C TYR F 162 18.52 -47.55 10.60
N VAL F 163 17.62 -46.64 10.21
CA VAL F 163 16.51 -46.98 9.33
C VAL F 163 16.57 -46.05 8.14
N PRO F 164 16.58 -46.60 6.91
CA PRO F 164 16.66 -45.71 5.72
C PRO F 164 15.42 -44.84 5.64
N GLU F 165 15.53 -43.62 5.11
CA GLU F 165 14.40 -42.69 5.07
C GLU F 165 13.12 -43.37 4.61
N SER F 166 13.24 -44.19 3.58
CA SER F 166 12.04 -44.73 2.99
C SER F 166 11.33 -45.83 3.84
N ASN F 167 11.95 -46.36 4.90
CA ASN F 167 11.21 -47.20 5.87
C ASN F 167 10.81 -46.51 7.19
N LEU F 168 11.16 -45.26 7.34
CA LEU F 168 10.63 -44.55 8.47
C LEU F 168 9.12 -44.48 8.29
N VAL F 169 8.38 -44.70 9.39
CA VAL F 169 6.93 -44.67 9.32
C VAL F 169 6.41 -43.28 8.91
N THR F 170 6.78 -42.26 9.67
CA THR F 170 6.49 -40.87 9.30
C THR F 170 7.70 -39.98 9.64
N TYR F 171 7.73 -38.78 9.07
CA TYR F 171 8.77 -37.83 9.39
C TYR F 171 8.48 -36.45 8.83
N THR F 172 9.24 -35.47 9.30
CA THR F 172 9.24 -34.13 8.73
C THR F 172 10.61 -33.90 8.14
N LYS F 173 10.69 -33.21 7.01
CA LYS F 173 11.98 -33.02 6.34
C LYS F 173 12.44 -31.55 6.35
N ILE F 174 13.72 -31.34 6.65
CA ILE F 174 14.34 -30.00 6.60
C ILE F 174 15.56 -30.02 5.65
N HIS F 175 15.64 -29.00 4.79
CA HIS F 175 16.78 -28.81 3.91
C HIS F 175 17.76 -27.80 4.50
N PHE F 176 19.05 -28.14 4.40
CA PHE F 176 20.13 -27.25 4.82
C PHE F 176 21.38 -27.41 3.97
N LYS F 177 22.37 -26.55 4.21
CA LYS F 177 23.67 -26.73 3.59
C LYS F 177 24.77 -26.93 4.64
N PRO F 178 25.46 -28.08 4.60
CA PRO F 178 26.54 -28.24 5.54
C PRO F 178 27.84 -27.63 4.99
N THR F 179 28.85 -27.56 5.84
CA THR F 179 30.19 -27.21 5.39
C THR F 179 31.20 -28.32 5.76
N GLY F 180 32.46 -28.10 5.40
CA GLY F 180 33.51 -29.07 5.70
C GLY F 180 34.77 -28.82 4.91
N SER F 181 35.63 -29.82 4.82
CA SER F 181 36.85 -29.69 4.06
C SER F 181 36.52 -29.37 2.62
N GLN F 182 37.29 -28.47 2.02
CA GLN F 182 36.95 -28.03 0.68
C GLN F 182 36.94 -29.12 -0.38
N GLN F 183 37.71 -30.19 -0.19
CA GLN F 183 37.76 -31.23 -1.24
C GLN F 183 36.51 -32.08 -1.24
N LEU F 184 35.78 -32.04 -0.14
CA LEU F 184 34.55 -32.80 -0.05
C LEU F 184 33.54 -32.19 -1.01
N GLN F 185 33.54 -30.85 -1.08
CA GLN F 185 32.61 -30.12 -1.96
C GLN F 185 31.18 -30.44 -1.61
N LEU F 186 30.87 -30.24 -0.34
CA LEU F 186 29.54 -30.49 0.14
C LEU F 186 28.54 -29.47 -0.48
N ALA F 187 27.40 -29.97 -0.97
CA ALA F 187 26.45 -29.13 -1.71
C ALA F 187 25.22 -28.90 -0.87
N SER F 188 24.69 -29.95 -0.26
CA SER F 188 23.44 -29.81 0.50
C SER F 188 23.26 -30.94 1.50
N GLY F 189 22.19 -30.83 2.30
CA GLY F 189 21.83 -31.85 3.27
C GLY F 189 20.36 -31.87 3.59
N GLU F 190 19.86 -33.03 3.99
CA GLU F 190 18.52 -33.15 4.54
C GLU F 190 18.59 -33.69 5.95
N LEU F 191 17.64 -33.25 6.78
CA LEU F 191 17.43 -33.85 8.07
C LEU F 191 15.99 -34.38 8.04
N VAL F 192 15.77 -35.59 8.54
CA VAL F 192 14.42 -36.06 8.77
C VAL F 192 14.26 -36.28 10.26
N VAL F 193 13.11 -35.83 10.79
CA VAL F 193 12.78 -35.88 12.19
C VAL F 193 11.60 -36.86 12.34
N ALA F 194 11.84 -37.98 13.01
CA ALA F 194 10.79 -38.99 13.21
C ALA F 194 10.61 -39.35 14.71
N ALA F 195 9.37 -39.56 15.12
CA ALA F 195 9.11 -40.11 16.43
C ALA F 195 9.45 -41.60 16.39
N ALA F 196 10.13 -42.10 17.43
CA ALA F 196 10.66 -43.47 17.42
C ALA F 196 10.60 -44.09 18.80
N LYS F 197 10.61 -45.42 18.82
CA LYS F 197 10.93 -46.14 20.06
C LYS F 197 11.73 -47.41 19.82
N SER F 198 12.41 -47.87 20.86
CA SER F 198 13.22 -49.10 20.80
C SER F 198 12.55 -50.19 21.62
N PRO F 199 12.56 -51.44 21.11
CA PRO F 199 12.03 -52.55 21.91
C PRO F 199 12.81 -52.75 23.22
N VAL F 200 14.04 -52.25 23.30
CA VAL F 200 14.85 -52.40 24.52
C VAL F 200 14.45 -51.42 25.63
N GLN F 201 13.66 -50.41 25.30
CA GLN F 201 13.18 -49.45 26.28
C GLN F 201 12.32 -50.10 27.34
N THR F 202 12.39 -49.57 28.56
CA THR F 202 11.49 -50.02 29.63
C THR F 202 10.37 -49.01 29.90
N THR F 203 10.39 -47.83 29.27
CA THR F 203 9.30 -46.86 29.47
C THR F 203 8.52 -46.58 28.21
N LYS F 204 7.40 -45.88 28.36
CA LYS F 204 6.60 -45.60 27.18
C LYS F 204 6.83 -44.21 26.58
N TYR F 205 7.89 -43.56 27.06
CA TYR F 205 8.28 -42.28 26.47
C TYR F 205 9.06 -42.42 25.17
N GLU F 206 8.61 -41.65 24.18
CA GLU F 206 9.15 -41.71 22.84
C GLU F 206 10.50 -41.02 22.70
N LEU F 207 11.23 -41.41 21.67
CA LEU F 207 12.50 -40.81 21.34
C LEU F 207 12.36 -40.02 20.05
N ILE F 208 13.39 -39.24 19.74
CA ILE F 208 13.45 -38.51 18.50
C ILE F 208 14.56 -39.07 17.64
N TYR F 209 14.20 -39.58 16.46
CA TYR F 209 15.20 -40.12 15.53
C TYR F 209 15.49 -39.03 14.51
N LEU F 210 16.78 -38.74 14.30
CA LEU F 210 17.24 -37.70 13.38
C LEU F 210 18.10 -38.36 12.31
N GLY F 211 17.58 -38.47 11.10
CA GLY F 211 18.34 -39.07 10.01
C GLY F 211 18.93 -37.98 9.12
N PHE F 212 20.20 -38.13 8.75
CA PHE F 212 20.92 -37.07 8.04
C PHE F 212 21.35 -37.63 6.70
N THR F 213 21.33 -36.78 5.68
CA THR F 213 21.94 -37.10 4.40
C THR F 213 22.67 -35.88 3.91
N LEU F 214 23.97 -36.01 3.73
CA LEU F 214 24.76 -34.95 3.14
C LEU F 214 25.16 -35.34 1.71
N LYS F 215 25.06 -34.40 0.78
CA LYS F 215 25.38 -34.64 -0.60
C LYS F 215 26.56 -33.81 -1.07
N GLN F 216 27.35 -34.38 -1.97
CA GLN F 216 28.51 -33.70 -2.55
C GLN F 216 28.32 -33.44 -4.04
N ASN F 217 29.01 -32.41 -4.57
CA ASN F 217 29.15 -32.27 -6.03
C ASN F 217 29.97 -33.46 -6.54
N SER F 218 29.76 -33.83 -7.79
CA SER F 218 30.35 -35.05 -8.31
C SER F 218 31.88 -35.03 -8.40
N SER F 219 32.48 -33.86 -8.34
CA SER F 219 33.93 -33.78 -8.32
C SER F 219 34.58 -33.85 -6.93
N GLY F 220 33.79 -34.00 -5.87
CA GLY F 220 34.32 -34.05 -4.51
C GLY F 220 35.05 -35.35 -4.24
N THR F 221 35.91 -35.41 -3.23
CA THR F 221 36.60 -36.68 -2.96
C THR F 221 35.76 -37.56 -2.08
N ASN F 222 35.97 -38.87 -2.22
CA ASN F 222 35.25 -39.87 -1.46
C ASN F 222 35.64 -39.86 0.03
N PHE F 223 34.70 -39.49 0.89
CA PHE F 223 34.90 -39.44 2.33
C PHE F 223 35.21 -40.82 2.90
N PHE F 224 34.70 -41.87 2.25
CA PHE F 224 34.89 -43.24 2.69
C PHE F 224 36.15 -43.94 2.09
N ASP F 225 36.92 -43.22 1.27
CA ASP F 225 38.14 -43.79 0.70
C ASP F 225 39.16 -44.16 1.79
N PRO F 226 39.66 -45.41 1.76
CA PRO F 226 40.61 -45.84 2.78
C PRO F 226 41.91 -45.01 2.84
N ASN F 227 42.39 -44.40 1.76
CA ASN F 227 43.57 -43.51 1.90
C ASN F 227 43.17 -42.06 1.72
N ALA F 228 41.96 -41.74 2.15
CA ALA F 228 41.60 -40.35 2.23
C ALA F 228 42.24 -39.89 3.53
N SER F 229 42.69 -38.63 3.54
CA SER F 229 43.19 -38.00 4.75
C SER F 229 42.20 -38.13 5.92
N SER F 230 42.70 -38.54 7.08
CA SER F 230 41.91 -38.63 8.32
C SER F 230 41.17 -37.37 8.74
N ASP F 231 41.65 -36.22 8.26
CA ASP F 231 41.22 -34.91 8.74
C ASP F 231 40.04 -34.32 8.02
N LEU F 232 39.65 -34.96 6.92
CA LEU F 232 38.49 -34.55 6.19
C LEU F 232 37.35 -34.55 7.17
N SER F 233 36.57 -33.48 7.16
CA SER F 233 35.44 -33.35 8.09
C SER F 233 34.27 -32.66 7.49
N PHE F 234 33.12 -32.92 8.10
CA PHE F 234 31.92 -32.17 7.82
C PHE F 234 31.44 -31.52 9.13
N LEU F 235 30.73 -30.41 8.97
CA LEU F 235 30.16 -29.70 10.09
C LEU F 235 28.83 -29.09 9.59
N THR F 236 27.71 -29.44 10.25
CA THR F 236 26.42 -28.82 9.93
C THR F 236 26.24 -27.48 10.71
N PRO F 237 25.36 -26.59 10.23
CA PRO F 237 24.99 -25.49 11.12
C PRO F 237 24.02 -26.06 12.17
N PRO F 238 23.54 -25.23 13.15
CA PRO F 238 22.48 -25.79 14.00
C PRO F 238 21.22 -25.89 13.16
N ILE F 239 20.73 -27.09 12.87
CA ILE F 239 19.57 -27.26 11.99
C ILE F 239 18.32 -27.22 12.86
N PRO F 240 17.38 -26.29 12.58
CA PRO F 240 16.21 -26.16 13.43
C PRO F 240 15.13 -27.15 13.09
N PHE F 241 14.34 -27.60 14.07
CA PHE F 241 13.19 -28.41 13.82
C PHE F 241 12.13 -28.16 14.88
N THR F 242 10.87 -28.51 14.57
CA THR F 242 9.76 -28.34 15.50
C THR F 242 8.95 -29.63 15.54
N TYR F 243 8.43 -29.98 16.71
CA TYR F 243 7.55 -31.13 16.84
C TYR F 243 6.61 -30.94 18.03
N LEU F 244 5.58 -31.77 18.12
CA LEU F 244 4.63 -31.70 19.25
C LEU F 244 5.11 -32.61 20.37
N GLY F 245 5.21 -32.07 21.59
CA GLY F 245 5.62 -32.82 22.80
C GLY F 245 4.46 -33.16 23.74
N TYR F 246 4.76 -33.56 24.97
CA TYR F 246 3.72 -33.75 25.99
C TYR F 246 3.06 -32.45 26.47
N TYR F 247 1.75 -32.50 26.66
CA TYR F 247 1.02 -31.37 27.17
C TYR F 247 -0.05 -31.85 28.15
N GLN F 248 -0.72 -30.89 28.82
CA GLN F 248 -1.98 -31.10 29.54
C GLN F 248 -3.24 -30.77 28.71
#